data_8IZ4
#
_entry.id   8IZ4
#
_cell.length_a   1.00
_cell.length_b   1.00
_cell.length_c   1.00
_cell.angle_alpha   90.00
_cell.angle_beta   90.00
_cell.angle_gamma   90.00
#
_symmetry.space_group_name_H-M   'P 1'
#
loop_
_entity.id
_entity.type
_entity.pdbx_description
1 polymer 'Guanine nucleotide-binding protein G(i) subunit alpha-1'
2 polymer 'Guanine nucleotide-binding protein G(I)/G(S)/G(T) subunit beta-1'
3 polymer 'Guanine nucleotide-binding protein G(I)/G(S)/G(O) subunit gamma-2'
4 polymer 'Antibody fragment scFv16'
5 polymer 'Probable G-protein coupled receptor 34'
6 non-polymer '[(2~{R})-2-oxidanyl-3-phosphonooxy-propyl] octadecanoate'
7 non-polymer SERINE
8 non-polymer CHOLESTEROL
#
loop_
_entity_poly.entity_id
_entity_poly.type
_entity_poly.pdbx_seq_one_letter_code
_entity_poly.pdbx_strand_id
1 'polypeptide(L)'
;MGCTLSAEDKAAVERSKMIDRNLREDGEKAAREVKLLLLGAGESGKNTIVKQMKIIHEAGYSEEECKQYKAVVYSNTIQS
IIAIIRAMGRLKIDFGDSARADDARQLFVLAGAAEEGFMTAELAGVIKRLWKDSGVQACFNRSREYQLNDSAAYYLNDLD
RIAQPNYIPTQQDVLRTRVKTTGIVETHFTFKDLHFKMFDVGAQRSERKKWIHCFEGVTAIIFCVALSDYDLVLAEDEEM
NRMHASMKLFDSICNNKWFTDTSIILFLNKKDLFEEKIKKSPLTICYPEYAGSNTYEEAAAYIQCQFEDLNKRKDTKEIY
THFTCSTDTKNVQFVFDAVTDVIIKNNLKDCGLF
;
A
2 'polypeptide(L)'
;MHHHHHHGSSGSELDQLRQEAEQLKNQIRDARKACADATLSQITNNIDPVGRIQMRTRRTLRGHLAKIYAMHWGTDSRLL
VSASQDGKLIIWDSYTTNKVHAIPLRSSWVMTCAYAPSGNYVACGGLDNICSIYNLKTREGNVRVSRELAGHTGYLSCCR
FLDDNQIVTSSGDTTCALWDIETGQQTTTFTGHTGDVMSLSLAPDTRLFVSGACDASAKLWDVREGMCRQTFTGHESDIN
AICFFPNGNAFATGSDDATCRLFDLRADQELMTYSHDNIICGITSVSFSKSGRLLLAGYDDFNCNVWDALKADRAGVLAG
HDNRVSCLGVTDDGMAVATGSWDSFLKIWNGSSGGGGSGGGGSSGVSGWRLFKKIS
;
B
3 'polypeptide(L)' MASNNTASIAQARKLVEQLKMEANIDRIKVSKAAADLMAYCEAHAKEDPLLTPVPASENPFREKKFFCAIL C
4 'polypeptide(L)'
;DVQLVESGGGLVQPGGSRKLSCSASGFAFSSFGMHWVRQAPEKGLEWVAYISSGSGTIYYADTVKGRFTISRDDPKNTLF
LQMTSLRSEDTAMYYCVRSIYYYGSSPFDFWGQGTTLTVSSGGGGSGGGGSGGGGSDIVMTQATSSVPVTPGESVSISCR
SSKSLLHSNGNTYLYWFLQRPGQSPQLLIYRMSNLASGVPDRFSGSGSGTAFTLTISRLEAEDVGVYYCMQHLEYPLTFG
AGTKLELLEENLYFQ
;
E
5 'polypeptide(L)'
;DYKDDDDHHHHHHHHGQPGNGSAFLLAPNGSHAPDHNVTQQRDEENLYFQGVDMRSHTITMTTTSVSSWPYSSHRMRFIT
NHSDQPPQNFSATPNVTTCPMDEKLLSTVLTTSYSVIFIVGLVGNIIALYVFLGIHRKRNSIQIYLLNVAIADLLLIFCL
PFRIMYHINQNKWTLGVILCKVVGTLFYMNMYISIILLGFISLDRYIKINRSIQQRKAITTKQSIYVCCIVWMLALGGFL
TMIILTLKKGGHNSTMCFHYRDKHNAKGEAIFNFILVVMFWLIFLLIILSYIKIGKNLLRISKRRSKFPNSGKYATTARN
SFIVLIIFTICFVPYHAFRFIYISSQLNVSSCYWKEIVHKTNEIMLVLSSFNSCLDPVMYFLMSSNIRKIMCQLLFRHMG
SSGGGGSGGGGSSGVFTLEDFVGDWEQTAAYNLDQVLEQGGVSSLLQNLAVSVTPIQRIVRSGENALKIDIHVIIPYEGL
SADQMAQIEEVFKVVYPVDDHHFKVILPYGTLVIDGVTPNMLNYFGRPYEGIAVFDGKKITVTGTLWNGNKIIDERLITP
DGSMLFRVTINS
;
R
#
loop_
_chem_comp.id
_chem_comp.type
_chem_comp.name
_chem_comp.formula
CLR non-polymer CHOLESTEROL 'C27 H46 O'
TJR non-polymer '[(2~{R})-2-oxidanyl-3-phosphonooxy-propyl] octadecanoate' 'C21 H43 O7 P'
#
# COMPACT_ATOMS: atom_id res chain seq x y z
N THR A 4 17.94 1.23 22.04
CA THR A 4 16.98 1.27 23.14
C THR A 4 16.00 0.11 23.08
N LEU A 5 16.32 -0.88 22.26
CA LEU A 5 15.48 -2.06 22.06
C LEU A 5 16.08 -3.26 22.76
N SER A 6 15.24 -4.27 22.99
CA SER A 6 15.70 -5.51 23.61
C SER A 6 16.46 -6.35 22.59
N ALA A 7 16.92 -7.53 23.03
CA ALA A 7 17.65 -8.41 22.12
C ALA A 7 16.72 -9.01 21.07
N GLU A 8 15.54 -9.46 21.49
CA GLU A 8 14.58 -10.00 20.54
C GLU A 8 13.88 -8.90 19.75
N ASP A 9 13.73 -7.70 20.32
CA ASP A 9 13.16 -6.59 19.58
C ASP A 9 14.03 -6.19 18.40
N LYS A 10 15.35 -6.14 18.61
CA LYS A 10 16.26 -5.82 17.51
C LYS A 10 16.24 -6.91 16.44
N ALA A 11 15.94 -8.14 16.81
CA ALA A 11 15.81 -9.22 15.84
C ALA A 11 14.47 -9.16 15.11
N ALA A 12 13.42 -8.71 15.77
CA ALA A 12 12.13 -8.54 15.11
C ALA A 12 12.20 -7.41 14.08
N VAL A 13 12.90 -6.33 14.40
CA VAL A 13 13.06 -5.23 13.45
C VAL A 13 13.83 -5.70 12.22
N GLU A 14 14.85 -6.53 12.43
CA GLU A 14 15.62 -7.07 11.31
C GLU A 14 14.73 -7.95 10.43
N ARG A 15 13.82 -8.71 11.04
CA ARG A 15 12.87 -9.50 10.26
C ARG A 15 11.95 -8.59 9.44
N SER A 16 11.49 -7.49 10.02
CA SER A 16 10.64 -6.55 9.29
C SER A 16 11.38 -5.92 8.13
N LYS A 17 12.66 -5.60 8.33
CA LYS A 17 13.46 -5.00 7.25
C LYS A 17 13.63 -5.97 6.09
N MET A 18 13.78 -7.26 6.39
CA MET A 18 13.89 -8.25 5.32
C MET A 18 12.59 -8.40 4.55
N ILE A 19 11.45 -8.31 5.26
CA ILE A 19 10.16 -8.37 4.58
C ILE A 19 10.00 -7.19 3.62
N ASP A 20 10.38 -5.99 4.07
CA ASP A 20 10.29 -4.82 3.20
C ASP A 20 11.19 -4.97 1.98
N ARG A 21 12.35 -5.60 2.14
CA ARG A 21 13.22 -5.83 1.00
C ARG A 21 12.57 -6.76 -0.01
N ASN A 22 11.88 -7.81 0.46
CA ASN A 22 11.19 -8.71 -0.44
C ASN A 22 9.96 -8.05 -1.05
N LEU A 23 9.26 -7.21 -0.29
CA LEU A 23 8.12 -6.49 -0.84
C LEU A 23 8.56 -5.49 -1.91
N ARG A 24 9.70 -4.82 -1.69
CA ARG A 24 10.22 -3.90 -2.69
C ARG A 24 10.57 -4.63 -3.98
N GLU A 25 11.17 -5.81 -3.88
CA GLU A 25 11.55 -6.57 -5.06
C GLU A 25 10.32 -7.05 -5.82
N ASP A 26 9.29 -7.49 -5.11
CA ASP A 26 8.06 -7.93 -5.78
C ASP A 26 7.34 -6.76 -6.45
N GLY A 27 7.40 -5.59 -5.82
CA GLY A 27 6.80 -4.42 -6.44
C GLY A 27 7.50 -4.01 -7.73
N GLU A 28 8.82 -4.11 -7.76
CA GLU A 28 9.56 -3.82 -8.99
C GLU A 28 9.22 -4.82 -10.08
N LYS A 29 9.13 -6.10 -9.73
CA LYS A 29 8.81 -7.12 -10.72
C LYS A 29 7.39 -6.94 -11.26
N ALA A 30 6.44 -6.61 -10.38
CA ALA A 30 5.06 -6.45 -10.81
C ALA A 30 4.86 -5.19 -11.64
N ALA A 31 5.66 -4.15 -11.40
CA ALA A 31 5.50 -2.91 -12.13
C ALA A 31 6.03 -3.00 -13.55
N ARG A 32 6.79 -4.04 -13.89
CA ARG A 32 7.30 -4.23 -15.25
C ARG A 32 6.43 -5.16 -16.08
N GLU A 33 5.30 -5.61 -15.55
CA GLU A 33 4.40 -6.49 -16.26
C GLU A 33 3.20 -5.72 -16.79
N VAL A 34 2.80 -6.03 -18.01
CA VAL A 34 1.67 -5.38 -18.66
C VAL A 34 0.39 -6.08 -18.23
N LYS A 35 -0.55 -5.33 -17.66
CA LYS A 35 -1.83 -5.86 -17.21
C LYS A 35 -2.90 -5.41 -18.19
N LEU A 36 -3.64 -6.38 -18.72
CA LEU A 36 -4.67 -6.13 -19.72
C LEU A 36 -6.00 -6.69 -19.25
N LEU A 37 -7.04 -5.86 -19.29
CA LEU A 37 -8.38 -6.30 -18.94
C LEU A 37 -9.11 -6.70 -20.22
N LEU A 38 -9.47 -7.98 -20.31
CA LEU A 38 -10.12 -8.52 -21.49
C LEU A 38 -11.63 -8.48 -21.29
N LEU A 39 -12.34 -7.81 -22.21
CA LEU A 39 -13.78 -7.67 -22.10
C LEU A 39 -14.47 -8.13 -23.38
N GLY A 40 -15.77 -7.90 -23.47
CA GLY A 40 -16.57 -8.30 -24.62
C GLY A 40 -17.82 -9.03 -24.20
N ALA A 41 -18.57 -9.48 -25.20
CA ALA A 41 -19.79 -10.22 -24.99
C ALA A 41 -19.53 -11.72 -25.13
N GLY A 42 -20.50 -12.51 -24.66
CA GLY A 42 -20.38 -13.96 -24.75
C GLY A 42 -20.44 -14.43 -26.20
N GLU A 43 -19.63 -15.44 -26.49
CA GLU A 43 -19.54 -16.02 -27.83
C GLU A 43 -19.27 -14.96 -28.89
N SER A 44 -18.33 -14.06 -28.58
CA SER A 44 -17.94 -13.00 -29.49
C SER A 44 -16.51 -13.15 -29.99
N GLY A 45 -15.94 -14.34 -29.87
CA GLY A 45 -14.57 -14.58 -30.27
C GLY A 45 -13.54 -14.36 -29.17
N LYS A 46 -13.97 -13.94 -27.99
CA LYS A 46 -13.04 -13.68 -26.89
C LYS A 46 -12.24 -14.93 -26.55
N ASN A 47 -12.92 -16.09 -26.45
CA ASN A 47 -12.22 -17.33 -26.17
C ASN A 47 -11.17 -17.63 -27.22
N THR A 48 -11.47 -17.36 -28.49
CA THR A 48 -10.49 -17.58 -29.55
C THR A 48 -9.27 -16.69 -29.39
N ILE A 49 -9.46 -15.46 -28.90
CA ILE A 49 -8.33 -14.56 -28.70
C ILE A 49 -7.37 -15.13 -27.67
N VAL A 50 -7.89 -15.67 -26.57
CA VAL A 50 -7.03 -16.19 -25.51
C VAL A 50 -6.17 -17.32 -26.02
N LYS A 51 -6.74 -18.21 -26.84
CA LYS A 51 -5.96 -19.31 -27.42
C LYS A 51 -4.85 -18.78 -28.32
N GLN A 52 -5.14 -17.74 -29.11
CA GLN A 52 -4.13 -17.16 -29.97
C GLN A 52 -3.01 -16.52 -29.16
N MET A 53 -3.35 -15.89 -28.03
CA MET A 53 -2.33 -15.28 -27.18
C MET A 53 -1.53 -16.35 -26.44
N THR A 182 -13.83 -20.33 -11.55
CA THR A 182 -15.17 -19.83 -11.78
C THR A 182 -15.27 -18.34 -11.49
N GLY A 183 -14.14 -17.75 -11.10
CA GLY A 183 -14.09 -16.33 -10.82
C GLY A 183 -13.49 -15.52 -11.93
N ILE A 184 -12.23 -15.13 -11.78
CA ILE A 184 -11.49 -14.40 -12.79
C ILE A 184 -10.38 -15.28 -13.32
N VAL A 185 -10.25 -15.36 -14.64
CA VAL A 185 -9.25 -16.20 -15.30
C VAL A 185 -8.11 -15.29 -15.76
N GLU A 186 -6.89 -15.61 -15.34
CA GLU A 186 -5.71 -14.83 -15.68
C GLU A 186 -4.80 -15.64 -16.58
N THR A 187 -4.28 -14.99 -17.61
CA THR A 187 -3.39 -15.62 -18.59
C THR A 187 -2.07 -14.86 -18.60
N HIS A 188 -0.97 -15.60 -18.49
CA HIS A 188 0.37 -15.03 -18.54
C HIS A 188 1.06 -15.49 -19.82
N PHE A 189 1.64 -14.54 -20.55
CA PHE A 189 2.42 -14.86 -21.72
C PHE A 189 3.48 -13.80 -21.92
N THR A 190 4.56 -14.18 -22.61
CA THR A 190 5.71 -13.32 -22.84
C THR A 190 5.90 -13.15 -24.34
N PHE A 191 6.14 -11.92 -24.78
CA PHE A 191 6.35 -11.62 -26.19
C PHE A 191 7.40 -10.53 -26.29
N LYS A 192 8.58 -10.89 -26.81
CA LYS A 192 9.69 -9.96 -27.01
C LYS A 192 10.09 -9.27 -25.71
N ASP A 193 10.47 -10.10 -24.73
CA ASP A 193 11.00 -9.62 -23.45
C ASP A 193 10.02 -8.71 -22.73
N LEU A 194 8.73 -9.01 -22.86
CA LEU A 194 7.69 -8.26 -22.18
C LEU A 194 6.64 -9.23 -21.65
N HIS A 195 6.35 -9.15 -20.37
CA HIS A 195 5.42 -10.06 -19.71
C HIS A 195 4.04 -9.42 -19.65
N PHE A 196 3.03 -10.15 -20.12
CA PHE A 196 1.66 -9.68 -20.17
C PHE A 196 0.79 -10.45 -19.20
N LYS A 197 -0.14 -9.74 -18.57
CA LYS A 197 -1.19 -10.35 -17.75
C LYS A 197 -2.53 -9.98 -18.36
N MET A 198 -3.31 -10.99 -18.75
CA MET A 198 -4.62 -10.80 -19.34
C MET A 198 -5.68 -11.32 -18.38
N PHE A 199 -6.62 -10.47 -18.01
CA PHE A 199 -7.65 -10.80 -17.03
C PHE A 199 -8.98 -10.95 -17.75
N ASP A 200 -9.55 -12.15 -17.68
CA ASP A 200 -10.85 -12.43 -18.27
C ASP A 200 -11.90 -12.45 -17.15
N VAL A 201 -12.88 -11.55 -17.25
CA VAL A 201 -13.93 -11.43 -16.24
C VAL A 201 -15.30 -11.70 -16.83
N GLY A 202 -15.37 -12.45 -17.94
CA GLY A 202 -16.64 -12.79 -18.54
C GLY A 202 -17.42 -13.87 -17.83
N ALA A 203 -16.81 -14.54 -16.86
CA ALA A 203 -17.47 -15.61 -16.12
C ALA A 203 -18.16 -15.12 -14.86
N GLN A 204 -18.15 -13.81 -14.61
CA GLN A 204 -18.77 -13.24 -13.41
C GLN A 204 -20.09 -12.60 -13.81
N ARG A 205 -21.17 -13.03 -13.17
CA ARG A 205 -22.50 -12.49 -13.41
C ARG A 205 -22.94 -11.49 -12.35
N SER A 206 -22.03 -11.09 -11.47
CA SER A 206 -22.35 -10.16 -10.40
C SER A 206 -22.45 -8.73 -10.93
N GLU A 207 -22.70 -7.79 -10.01
CA GLU A 207 -22.82 -6.40 -10.39
C GLU A 207 -21.47 -5.86 -10.84
N ARG A 208 -21.42 -5.34 -12.07
CA ARG A 208 -20.14 -4.92 -12.64
C ARG A 208 -19.57 -3.73 -11.90
N LYS A 209 -20.42 -2.81 -11.45
CA LYS A 209 -19.95 -1.60 -10.78
C LYS A 209 -19.38 -1.87 -9.39
N LYS A 210 -19.55 -3.08 -8.86
CA LYS A 210 -19.01 -3.42 -7.55
C LYS A 210 -17.61 -4.00 -7.60
N TRP A 211 -17.08 -4.30 -8.78
CA TRP A 211 -15.72 -4.80 -8.88
C TRP A 211 -14.92 -4.26 -10.06
N ILE A 212 -15.48 -3.32 -10.83
CA ILE A 212 -14.75 -2.82 -12.00
C ILE A 212 -13.64 -1.86 -11.62
N HIS A 213 -13.72 -1.23 -10.44
CA HIS A 213 -12.67 -0.31 -10.01
C HIS A 213 -11.39 -1.04 -9.62
N CYS A 214 -11.43 -2.36 -9.44
CA CYS A 214 -10.22 -3.11 -9.11
C CYS A 214 -9.24 -3.15 -10.26
N PHE A 215 -9.69 -2.90 -11.48
CA PHE A 215 -8.84 -2.89 -12.66
C PHE A 215 -8.41 -1.49 -13.07
N GLU A 216 -8.70 -0.48 -12.25
CA GLU A 216 -8.20 0.86 -12.49
C GLU A 216 -6.68 0.88 -12.44
N GLY A 217 -6.05 1.12 -13.57
CA GLY A 217 -4.59 1.11 -13.66
C GLY A 217 -4.02 0.09 -14.61
N VAL A 218 -4.84 -0.68 -15.33
CA VAL A 218 -4.32 -1.61 -16.32
C VAL A 218 -3.75 -0.83 -17.50
N THR A 219 -2.81 -1.45 -18.21
CA THR A 219 -2.17 -0.78 -19.34
C THR A 219 -3.18 -0.48 -20.44
N ALA A 220 -4.03 -1.45 -20.77
CA ALA A 220 -5.03 -1.27 -21.82
C ALA A 220 -6.15 -2.27 -21.61
N ILE A 221 -7.27 -1.99 -22.28
CA ILE A 221 -8.44 -2.86 -22.25
C ILE A 221 -8.58 -3.47 -23.65
N ILE A 222 -8.64 -4.79 -23.71
CA ILE A 222 -8.84 -5.51 -24.96
C ILE A 222 -10.31 -5.82 -25.09
N PHE A 223 -10.99 -5.14 -26.00
CA PHE A 223 -12.42 -5.29 -26.21
C PHE A 223 -12.66 -6.09 -27.48
N CYS A 224 -13.43 -7.17 -27.38
CA CYS A 224 -13.71 -8.04 -28.50
C CYS A 224 -15.14 -7.84 -28.97
N VAL A 225 -15.30 -7.61 -30.27
CA VAL A 225 -16.60 -7.45 -30.90
C VAL A 225 -16.67 -8.40 -32.09
N ALA A 226 -17.77 -9.15 -32.19
CA ALA A 226 -17.97 -10.08 -33.29
C ALA A 226 -18.68 -9.35 -34.43
N LEU A 227 -17.98 -9.21 -35.55
CA LEU A 227 -18.58 -8.55 -36.71
C LEU A 227 -19.70 -9.38 -37.31
N SER A 228 -19.57 -10.71 -37.27
CA SER A 228 -20.58 -11.60 -37.85
C SER A 228 -21.90 -11.55 -37.10
N ASP A 229 -21.93 -10.95 -35.91
CA ASP A 229 -23.14 -10.86 -35.11
C ASP A 229 -23.92 -9.56 -35.35
N TYR A 230 -23.72 -8.92 -36.50
CA TYR A 230 -24.42 -7.65 -36.76
C TYR A 230 -25.90 -7.89 -37.00
N ASP A 231 -26.24 -8.96 -37.72
CA ASP A 231 -27.63 -9.28 -38.04
C ASP A 231 -28.26 -10.24 -37.05
N LEU A 232 -27.52 -10.70 -36.05
CA LEU A 232 -28.07 -11.63 -35.08
C LEU A 232 -28.84 -10.90 -34.00
N VAL A 233 -29.64 -11.65 -33.25
CA VAL A 233 -30.45 -11.14 -32.16
C VAL A 233 -30.01 -11.81 -30.88
N LEU A 234 -29.92 -11.04 -29.80
CA LEU A 234 -29.49 -11.57 -28.51
C LEU A 234 -30.41 -12.71 -28.07
N ALA A 235 -29.80 -13.82 -27.64
CA ALA A 235 -30.58 -15.00 -27.29
C ALA A 235 -31.46 -14.75 -26.07
N GLU A 236 -30.92 -14.10 -25.05
CA GLU A 236 -31.67 -13.90 -23.81
C GLU A 236 -32.84 -12.93 -24.02
N ASP A 237 -32.57 -11.78 -24.65
CA ASP A 237 -33.60 -10.77 -24.82
C ASP A 237 -34.58 -11.13 -25.95
N GLU A 238 -34.08 -11.80 -26.99
CA GLU A 238 -34.84 -12.27 -28.15
C GLU A 238 -35.36 -11.13 -29.02
N GLU A 239 -35.13 -9.87 -28.65
CA GLU A 239 -35.56 -8.75 -29.47
C GLU A 239 -34.52 -7.63 -29.54
N MET A 240 -33.31 -7.84 -29.02
CA MET A 240 -32.25 -6.84 -29.04
C MET A 240 -31.17 -7.28 -30.02
N ASN A 241 -30.75 -6.35 -30.88
CA ASN A 241 -29.69 -6.65 -31.84
C ASN A 241 -28.39 -6.95 -31.12
N ARG A 242 -27.71 -8.01 -31.56
CA ARG A 242 -26.47 -8.43 -30.89
C ARG A 242 -25.38 -7.38 -31.03
N MET A 243 -25.24 -6.79 -32.22
CA MET A 243 -24.23 -5.76 -32.42
C MET A 243 -24.51 -4.53 -31.56
N HIS A 244 -25.78 -4.13 -31.48
CA HIS A 244 -26.14 -2.98 -30.64
C HIS A 244 -25.94 -3.28 -29.15
N ALA A 245 -25.98 -4.55 -28.75
CA ALA A 245 -25.69 -4.90 -27.37
C ALA A 245 -24.22 -4.66 -27.03
N SER A 246 -23.33 -4.82 -28.01
CA SER A 246 -21.92 -4.54 -27.78
C SER A 246 -21.66 -3.04 -27.68
N MET A 247 -22.40 -2.23 -28.43
CA MET A 247 -22.18 -0.78 -28.41
C MET A 247 -22.49 -0.21 -27.03
N LYS A 248 -23.59 -0.65 -26.41
CA LYS A 248 -23.92 -0.17 -25.08
C LYS A 248 -22.91 -0.67 -24.05
N LEU A 249 -22.39 -1.88 -24.23
CA LEU A 249 -21.32 -2.36 -23.37
C LEU A 249 -20.04 -1.57 -23.61
N PHE A 250 -19.71 -1.31 -24.87
CA PHE A 250 -18.52 -0.53 -25.18
C PHE A 250 -18.66 0.91 -24.69
N ASP A 251 -19.85 1.50 -24.83
CA ASP A 251 -20.05 2.88 -24.43
C ASP A 251 -19.83 3.07 -22.94
N SER A 252 -20.33 2.14 -22.13
CA SER A 252 -20.16 2.24 -20.68
C SER A 252 -18.71 2.06 -20.28
N ILE A 253 -18.01 1.12 -20.89
CA ILE A 253 -16.61 0.86 -20.53
C ILE A 253 -15.73 2.03 -20.98
N CYS A 254 -15.91 2.49 -22.22
CA CYS A 254 -15.08 3.56 -22.74
C CYS A 254 -15.27 4.85 -21.97
N ASN A 255 -16.51 5.16 -21.58
CA ASN A 255 -16.82 6.38 -20.85
C ASN A 255 -16.80 6.18 -19.34
N ASN A 256 -16.37 5.01 -18.86
CA ASN A 256 -16.36 4.75 -17.43
C ASN A 256 -15.39 5.69 -16.73
N LYS A 257 -15.76 6.08 -15.50
CA LYS A 257 -14.92 7.00 -14.73
C LYS A 257 -13.61 6.36 -14.28
N TRP A 258 -13.56 5.04 -14.17
CA TRP A 258 -12.35 4.36 -13.74
C TRP A 258 -11.36 4.13 -14.87
N PHE A 259 -11.75 4.34 -16.12
CA PHE A 259 -10.89 4.12 -17.27
C PHE A 259 -10.83 5.37 -18.14
N THR A 260 -10.72 6.54 -17.50
CA THR A 260 -10.63 7.78 -18.25
C THR A 260 -9.34 7.85 -19.07
N ASP A 261 -8.22 7.41 -18.49
CA ASP A 261 -6.92 7.50 -19.13
C ASP A 261 -6.43 6.17 -19.67
N THR A 262 -7.30 5.16 -19.72
CA THR A 262 -6.92 3.82 -20.17
C THR A 262 -7.30 3.65 -21.63
N SER A 263 -6.30 3.31 -22.46
CA SER A 263 -6.56 3.07 -23.87
C SER A 263 -7.35 1.77 -24.04
N ILE A 264 -7.96 1.62 -25.22
CA ILE A 264 -8.76 0.46 -25.55
C ILE A 264 -8.25 -0.15 -26.84
N ILE A 265 -8.02 -1.46 -26.82
CA ILE A 265 -7.61 -2.21 -28.01
C ILE A 265 -8.85 -2.95 -28.50
N LEU A 266 -9.48 -2.41 -29.54
CA LEU A 266 -10.74 -2.95 -30.04
C LEU A 266 -10.46 -4.01 -31.09
N PHE A 267 -10.86 -5.25 -30.80
CA PHE A 267 -10.71 -6.37 -31.72
C PHE A 267 -12.05 -6.66 -32.37
N LEU A 268 -12.09 -6.65 -33.69
CA LEU A 268 -13.29 -6.96 -34.46
C LEU A 268 -13.11 -8.37 -35.02
N ASN A 269 -13.66 -9.36 -34.33
CA ASN A 269 -13.47 -10.74 -34.70
C ASN A 269 -14.47 -11.18 -35.77
N LYS A 270 -14.28 -12.40 -36.25
CA LYS A 270 -15.20 -13.03 -37.22
C LYS A 270 -15.35 -12.19 -38.48
N LYS A 271 -14.21 -11.73 -39.02
CA LYS A 271 -14.27 -10.94 -40.24
C LYS A 271 -14.54 -11.83 -41.46
N ASP A 272 -14.05 -13.07 -41.45
CA ASP A 272 -14.31 -13.97 -42.57
C ASP A 272 -15.78 -14.37 -42.63
N LEU A 273 -16.38 -14.65 -41.46
CA LEU A 273 -17.80 -14.97 -41.43
C LEU A 273 -18.66 -13.73 -41.69
N PHE A 274 -18.16 -12.56 -41.34
CA PHE A 274 -18.89 -11.32 -41.61
C PHE A 274 -19.03 -11.10 -43.11
N GLU A 275 -17.99 -11.40 -43.87
CA GLU A 275 -18.05 -11.25 -45.32
C GLU A 275 -19.10 -12.18 -45.92
N GLU A 276 -19.17 -13.42 -45.42
CA GLU A 276 -20.16 -14.36 -45.94
C GLU A 276 -21.58 -13.88 -45.66
N LYS A 277 -21.83 -13.37 -44.45
CA LYS A 277 -23.16 -12.88 -44.12
C LYS A 277 -23.53 -11.62 -44.89
N ILE A 278 -22.53 -10.89 -45.40
CA ILE A 278 -22.81 -9.67 -46.16
C ILE A 278 -23.61 -10.00 -47.42
N LYS A 279 -23.24 -11.07 -48.11
CA LYS A 279 -23.91 -11.42 -49.36
C LYS A 279 -25.38 -11.72 -49.13
N LYS A 280 -25.71 -12.45 -48.06
CA LYS A 280 -27.10 -12.80 -47.80
C LYS A 280 -27.83 -11.69 -47.07
N SER A 281 -27.31 -11.28 -45.90
CA SER A 281 -27.96 -10.27 -45.08
C SER A 281 -27.22 -8.95 -45.21
N PRO A 282 -27.81 -7.91 -45.81
CA PRO A 282 -27.10 -6.63 -45.92
C PRO A 282 -27.00 -5.92 -44.58
N LEU A 283 -26.15 -4.91 -44.54
CA LEU A 283 -25.91 -4.16 -43.32
C LEU A 283 -27.09 -3.28 -42.92
N THR A 284 -28.09 -3.12 -43.80
CA THR A 284 -29.22 -2.25 -43.48
C THR A 284 -30.00 -2.76 -42.28
N ILE A 285 -29.99 -4.07 -42.05
CA ILE A 285 -30.71 -4.63 -40.90
C ILE A 285 -30.09 -4.12 -39.60
N CYS A 286 -28.76 -4.16 -39.51
CA CYS A 286 -28.10 -3.69 -38.30
C CYS A 286 -28.18 -2.17 -38.17
N TYR A 287 -27.89 -1.46 -39.26
CA TYR A 287 -27.94 0.01 -39.27
C TYR A 287 -28.97 0.47 -40.28
N PRO A 288 -30.16 0.88 -39.86
CA PRO A 288 -31.16 1.40 -40.82
C PRO A 288 -30.66 2.62 -41.58
N GLU A 289 -29.89 3.49 -40.93
CA GLU A 289 -29.37 4.69 -41.57
C GLU A 289 -27.97 4.46 -42.14
N TYR A 290 -27.87 3.44 -42.99
CA TYR A 290 -26.61 3.09 -43.65
C TYR A 290 -26.82 3.20 -45.16
N ALA A 291 -26.29 4.27 -45.75
CA ALA A 291 -26.39 4.51 -47.18
C ALA A 291 -25.17 4.06 -47.96
N GLY A 292 -24.20 3.43 -47.30
CA GLY A 292 -23.00 2.99 -47.97
C GLY A 292 -23.23 1.75 -48.82
N SER A 293 -22.17 1.37 -49.55
CA SER A 293 -22.24 0.20 -50.41
C SER A 293 -22.24 -1.07 -49.57
N ASN A 294 -22.58 -2.19 -50.23
CA ASN A 294 -22.65 -3.49 -49.58
C ASN A 294 -21.37 -4.28 -49.73
N THR A 295 -20.27 -3.63 -50.10
CA THR A 295 -18.98 -4.30 -50.18
C THR A 295 -18.43 -4.58 -48.78
N TYR A 296 -17.56 -5.58 -48.71
CA TYR A 296 -16.98 -5.96 -47.41
C TYR A 296 -16.13 -4.83 -46.83
N GLU A 297 -15.30 -4.20 -47.67
CA GLU A 297 -14.40 -3.17 -47.17
C GLU A 297 -15.18 -1.96 -46.65
N GLU A 298 -16.23 -1.55 -47.36
CA GLU A 298 -17.05 -0.44 -46.88
C GLU A 298 -17.83 -0.82 -45.64
N ALA A 299 -18.37 -2.05 -45.60
CA ALA A 299 -19.13 -2.49 -44.44
C ALA A 299 -18.24 -2.61 -43.20
N ALA A 300 -17.04 -3.16 -43.37
CA ALA A 300 -16.14 -3.32 -42.23
C ALA A 300 -15.70 -1.98 -41.66
N ALA A 301 -15.42 -1.01 -42.53
CA ALA A 301 -14.97 0.29 -42.06
C ALA A 301 -16.08 1.06 -41.36
N TYR A 302 -17.33 0.90 -41.80
CA TYR A 302 -18.43 1.64 -41.18
C TYR A 302 -18.65 1.20 -39.74
N ILE A 303 -18.55 -0.11 -39.46
CA ILE A 303 -18.74 -0.59 -38.10
C ILE A 303 -17.64 -0.06 -37.19
N GLN A 304 -16.40 0.00 -37.69
CA GLN A 304 -15.31 0.52 -36.90
C GLN A 304 -15.53 1.98 -36.52
N CYS A 305 -16.04 2.77 -37.47
CA CYS A 305 -16.28 4.19 -37.20
C CYS A 305 -17.33 4.39 -36.12
N GLN A 306 -18.38 3.57 -36.13
CA GLN A 306 -19.44 3.71 -35.14
C GLN A 306 -18.93 3.45 -33.72
N PHE A 307 -18.10 2.42 -33.56
CA PHE A 307 -17.55 2.13 -32.23
C PHE A 307 -16.64 3.24 -31.74
N GLU A 308 -15.75 3.74 -32.61
CA GLU A 308 -14.85 4.81 -32.22
C GLU A 308 -15.56 6.13 -32.01
N ASP A 309 -16.77 6.29 -32.58
CA ASP A 309 -17.55 7.50 -32.32
C ASP A 309 -18.22 7.47 -30.96
N LEU A 310 -18.33 6.30 -30.33
CA LEU A 310 -18.85 6.22 -28.96
C LEU A 310 -17.85 6.75 -27.95
N ASN A 311 -16.60 6.97 -28.34
CA ASN A 311 -15.58 7.51 -27.44
C ASN A 311 -15.85 8.98 -27.22
N LYS A 312 -16.38 9.33 -26.05
CA LYS A 312 -16.68 10.71 -25.73
C LYS A 312 -15.46 11.49 -25.25
N ARG A 313 -14.32 10.83 -25.09
CA ARG A 313 -13.07 11.48 -24.70
C ARG A 313 -12.00 11.03 -25.69
N LYS A 314 -11.89 11.75 -26.80
CA LYS A 314 -10.96 11.40 -27.87
C LYS A 314 -9.55 11.94 -27.63
N ASP A 315 -9.32 12.67 -26.55
CA ASP A 315 -8.00 13.22 -26.24
C ASP A 315 -7.30 12.45 -25.13
N THR A 316 -8.00 12.14 -24.04
CA THR A 316 -7.38 11.44 -22.92
C THR A 316 -6.99 10.02 -23.29
N LYS A 317 -7.85 9.32 -24.02
CA LYS A 317 -7.63 7.92 -24.37
C LYS A 317 -7.63 7.75 -25.89
N GLU A 318 -7.09 6.62 -26.32
CA GLU A 318 -7.04 6.26 -27.73
C GLU A 318 -7.60 4.86 -27.91
N ILE A 319 -8.23 4.64 -29.07
CA ILE A 319 -8.82 3.35 -29.40
C ILE A 319 -8.07 2.76 -30.59
N TYR A 320 -7.49 1.58 -30.38
CA TYR A 320 -6.75 0.88 -31.41
C TYR A 320 -7.62 -0.24 -31.96
N THR A 321 -7.95 -0.17 -33.25
CA THR A 321 -8.84 -1.12 -33.88
C THR A 321 -8.06 -2.08 -34.76
N HIS A 322 -8.31 -3.37 -34.61
CA HIS A 322 -7.66 -4.40 -35.39
C HIS A 322 -8.70 -5.42 -35.83
N PHE A 323 -8.56 -5.92 -37.05
CA PHE A 323 -9.46 -6.94 -37.59
C PHE A 323 -8.79 -8.29 -37.43
N THR A 324 -9.30 -9.10 -36.50
CA THR A 324 -8.74 -10.41 -36.21
C THR A 324 -9.57 -11.49 -36.91
N CYS A 325 -9.11 -12.73 -36.78
CA CYS A 325 -9.81 -13.87 -37.35
C CYS A 325 -9.32 -15.13 -36.64
N SER A 326 -9.99 -16.24 -36.94
CA SER A 326 -9.62 -17.51 -36.33
C SER A 326 -8.22 -17.94 -36.76
N THR A 327 -7.87 -17.72 -38.02
CA THR A 327 -6.59 -18.14 -38.58
C THR A 327 -5.52 -17.06 -38.50
N ASP A 328 -5.84 -15.89 -37.96
CA ASP A 328 -4.84 -14.83 -37.85
C ASP A 328 -3.76 -15.19 -36.84
N THR A 329 -2.53 -14.78 -37.14
CA THR A 329 -1.40 -15.01 -36.25
C THR A 329 -0.69 -13.73 -35.84
N LYS A 330 -1.12 -12.57 -36.34
CA LYS A 330 -0.50 -11.29 -36.02
C LYS A 330 -1.25 -10.53 -34.94
N ASN A 331 -2.23 -11.17 -34.29
CA ASN A 331 -2.98 -10.48 -33.24
C ASN A 331 -2.09 -10.13 -32.06
N VAL A 332 -1.17 -11.03 -31.70
CA VAL A 332 -0.26 -10.76 -30.59
C VAL A 332 0.65 -9.59 -30.92
N GLN A 333 1.08 -9.49 -32.18
CA GLN A 333 1.96 -8.39 -32.59
C GLN A 333 1.26 -7.05 -32.44
N PHE A 334 -0.03 -6.98 -32.82
CA PHE A 334 -0.76 -5.73 -32.70
C PHE A 334 -0.93 -5.34 -31.24
N VAL A 335 -1.15 -6.31 -30.37
CA VAL A 335 -1.23 -6.02 -28.93
C VAL A 335 0.09 -5.44 -28.44
N PHE A 336 1.21 -6.04 -28.84
CA PHE A 336 2.51 -5.53 -28.44
C PHE A 336 2.75 -4.12 -28.98
N ASP A 337 2.39 -3.88 -30.24
CA ASP A 337 2.55 -2.54 -30.81
C ASP A 337 1.65 -1.53 -30.09
N ALA A 338 0.41 -1.91 -29.80
CA ALA A 338 -0.50 -0.99 -29.12
C ALA A 338 -0.08 -0.77 -27.67
N VAL A 339 0.36 -1.83 -26.99
CA VAL A 339 0.81 -1.69 -25.60
C VAL A 339 2.06 -0.82 -25.53
N THR A 340 3.01 -1.05 -26.44
CA THR A 340 4.23 -0.24 -26.47
C THR A 340 3.89 1.23 -26.74
N ASP A 341 2.93 1.48 -27.64
CA ASP A 341 2.51 2.85 -27.89
C ASP A 341 1.92 3.49 -26.64
N VAL A 342 1.15 2.73 -25.87
CA VAL A 342 0.59 3.25 -24.62
C VAL A 342 1.69 3.55 -23.61
N ILE A 343 2.68 2.64 -23.51
CA ILE A 343 3.75 2.82 -22.53
C ILE A 343 4.58 4.06 -22.85
N ILE A 344 4.93 4.25 -24.12
CA ILE A 344 5.74 5.41 -24.50
C ILE A 344 4.98 6.69 -24.21
N LYS A 345 3.70 6.75 -24.58
CA LYS A 345 2.92 7.95 -24.33
C LYS A 345 2.65 8.18 -22.84
N ASN A 346 2.80 7.13 -22.01
CA ASN A 346 2.74 7.33 -20.58
C ASN A 346 4.01 7.98 -20.06
N ASN A 347 5.17 7.59 -20.60
CA ASN A 347 6.43 8.21 -20.22
C ASN A 347 6.46 9.67 -20.65
N LEU A 348 5.97 9.97 -21.84
CA LEU A 348 5.97 11.35 -22.32
C LEU A 348 5.12 12.26 -21.44
N LYS A 349 4.12 11.70 -20.77
CA LYS A 349 3.37 12.48 -19.78
C LYS A 349 4.14 12.63 -18.48
N ASP A 350 4.90 11.61 -18.09
CA ASP A 350 5.74 11.73 -16.90
C ASP A 350 6.85 12.75 -17.10
N CYS A 351 7.48 12.74 -18.29
CA CYS A 351 8.56 13.67 -18.58
C CYS A 351 8.08 15.10 -18.74
N GLY A 352 6.78 15.32 -18.90
CA GLY A 352 6.25 16.66 -19.04
C GLY A 352 6.37 17.25 -20.43
N LEU A 353 6.85 16.50 -21.41
CA LEU A 353 6.99 16.99 -22.77
C LEU A 353 5.74 16.75 -23.61
N PHE A 354 4.70 16.15 -23.05
CA PHE A 354 3.49 15.87 -23.80
C PHE A 354 2.25 15.99 -22.91
N SER B 12 -53.00 -16.87 -12.94
CA SER B 12 -54.07 -17.01 -11.96
C SER B 12 -53.49 -17.24 -10.57
N GLU B 13 -52.87 -18.41 -10.37
CA GLU B 13 -52.27 -18.71 -9.07
C GLU B 13 -51.11 -17.77 -8.76
N LEU B 14 -50.28 -17.47 -9.76
CA LEU B 14 -49.16 -16.57 -9.53
C LEU B 14 -49.65 -15.16 -9.20
N ASP B 15 -50.66 -14.67 -9.92
CA ASP B 15 -51.20 -13.34 -9.65
C ASP B 15 -51.80 -13.27 -8.25
N GLN B 16 -52.53 -14.31 -7.84
CA GLN B 16 -53.13 -14.33 -6.51
C GLN B 16 -52.06 -14.34 -5.42
N LEU B 17 -51.00 -15.13 -5.61
CA LEU B 17 -49.96 -15.23 -4.59
C LEU B 17 -49.19 -13.94 -4.43
N ARG B 18 -48.83 -13.28 -5.54
CA ARG B 18 -48.07 -12.04 -5.43
C ARG B 18 -48.91 -10.91 -4.84
N GLN B 19 -50.24 -11.01 -4.90
CA GLN B 19 -51.07 -10.05 -4.18
C GLN B 19 -51.02 -10.29 -2.68
N GLU B 20 -50.94 -11.56 -2.27
CA GLU B 20 -50.83 -11.86 -0.85
C GLU B 20 -49.51 -11.39 -0.26
N ALA B 21 -48.44 -11.42 -1.06
CA ALA B 21 -47.16 -10.91 -0.59
C ALA B 21 -47.24 -9.41 -0.29
N GLU B 22 -47.93 -8.66 -1.14
CA GLU B 22 -48.10 -7.24 -0.89
C GLU B 22 -48.90 -6.99 0.39
N GLN B 23 -49.93 -7.81 0.63
CA GLN B 23 -50.68 -7.69 1.87
C GLN B 23 -49.81 -7.95 3.08
N LEU B 24 -48.92 -8.94 3.00
CA LEU B 24 -48.02 -9.23 4.12
C LEU B 24 -47.04 -8.08 4.33
N LYS B 25 -46.55 -7.48 3.24
CA LYS B 25 -45.65 -6.35 3.36
C LYS B 25 -46.34 -5.16 4.03
N ASN B 26 -47.60 -4.92 3.68
CA ASN B 26 -48.35 -3.85 4.35
C ASN B 26 -48.57 -4.17 5.83
N GLN B 27 -48.78 -5.45 6.15
CA GLN B 27 -48.94 -5.84 7.54
C GLN B 27 -47.65 -5.58 8.33
N ILE B 28 -46.50 -5.90 7.74
CA ILE B 28 -45.23 -5.66 8.41
C ILE B 28 -44.99 -4.15 8.56
N ARG B 29 -45.27 -3.39 7.50
CA ARG B 29 -45.06 -1.95 7.57
C ARG B 29 -45.95 -1.31 8.62
N ASP B 30 -47.21 -1.76 8.70
CA ASP B 30 -48.10 -1.26 9.76
C ASP B 30 -47.60 -1.68 11.13
N ALA B 31 -47.07 -2.90 11.25
CA ALA B 31 -46.58 -3.37 12.55
C ALA B 31 -45.39 -2.53 13.01
N ARG B 32 -44.48 -2.20 12.09
CA ARG B 32 -43.35 -1.36 12.46
C ARG B 32 -43.81 0.05 12.82
N LYS B 33 -44.77 0.60 12.08
CA LYS B 33 -45.29 1.92 12.39
C LYS B 33 -46.02 1.94 13.73
N ALA B 34 -46.63 0.82 14.11
CA ALA B 34 -47.34 0.77 15.40
C ALA B 34 -46.38 0.95 16.57
N CYS B 35 -45.21 0.34 16.50
CA CYS B 35 -44.23 0.42 17.59
C CYS B 35 -43.29 1.61 17.46
N ALA B 36 -43.48 2.47 16.46
CA ALA B 36 -42.67 3.68 16.31
C ALA B 36 -43.26 4.83 17.13
N ASP B 37 -43.41 4.58 18.42
CA ASP B 37 -44.01 5.59 19.30
C ASP B 37 -43.16 6.84 19.40
N ALA B 38 -41.84 6.67 19.50
CA ALA B 38 -40.92 7.79 19.67
C ALA B 38 -39.78 7.66 18.67
N THR B 39 -38.89 8.65 18.68
CA THR B 39 -37.69 8.66 17.84
C THR B 39 -36.47 8.62 18.72
N LEU B 40 -35.41 7.94 18.24
CA LEU B 40 -34.14 7.93 18.95
C LEU B 40 -33.60 9.34 19.15
N SER B 41 -33.83 10.23 18.18
CA SER B 41 -33.38 11.61 18.32
C SER B 41 -34.05 12.30 19.51
N GLN B 42 -35.37 12.09 19.68
CA GLN B 42 -36.06 12.68 20.81
C GLN B 42 -35.57 12.09 22.12
N ILE B 43 -35.29 10.78 22.15
CA ILE B 43 -34.87 10.14 23.38
C ILE B 43 -33.52 10.66 23.83
N THR B 44 -32.58 10.84 22.89
CA THR B 44 -31.22 11.23 23.20
C THR B 44 -30.99 12.73 23.03
N ASN B 45 -32.07 13.52 23.00
CA ASN B 45 -31.91 14.97 22.87
C ASN B 45 -31.31 15.57 24.14
N ASN B 46 -31.69 15.05 25.31
CA ASN B 46 -31.26 15.65 26.57
C ASN B 46 -29.78 15.40 26.84
N ILE B 47 -29.25 14.25 26.42
CA ILE B 47 -27.87 13.91 26.77
C ILE B 47 -26.90 14.87 26.08
N ASP B 48 -25.77 15.12 26.74
CA ASP B 48 -24.79 16.04 26.22
C ASP B 48 -24.05 15.42 25.03
N PRO B 49 -23.60 16.25 24.08
CA PRO B 49 -22.84 15.72 22.94
C PRO B 49 -21.45 15.28 23.37
N VAL B 50 -20.84 14.44 22.53
CA VAL B 50 -19.48 13.97 22.79
C VAL B 50 -18.43 15.06 22.57
N GLY B 51 -18.82 16.21 22.05
CA GLY B 51 -17.86 17.25 21.74
C GLY B 51 -17.11 16.98 20.45
N ARG B 52 -15.96 17.62 20.32
CA ARG B 52 -15.10 17.43 19.16
C ARG B 52 -14.12 16.30 19.46
N ILE B 53 -14.07 15.33 18.55
CA ILE B 53 -13.19 14.17 18.67
C ILE B 53 -11.95 14.44 17.82
N GLN B 54 -10.80 14.60 18.46
CA GLN B 54 -9.54 14.84 17.78
C GLN B 54 -8.66 13.60 17.93
N MET B 55 -8.30 12.99 16.81
CA MET B 55 -7.44 11.82 16.78
C MET B 55 -6.23 12.11 15.91
N ARG B 56 -5.06 11.68 16.38
CA ARG B 56 -3.81 11.86 15.65
C ARG B 56 -3.33 10.52 15.10
N THR B 57 -2.57 10.59 14.02
CA THR B 57 -1.97 9.40 13.43
C THR B 57 -0.77 9.01 14.29
N ARG B 58 -0.95 7.95 15.10
CA ARG B 58 0.16 7.47 15.92
C ARG B 58 1.14 6.64 15.08
N ARG B 59 0.63 5.83 14.17
CA ARG B 59 1.46 4.97 13.34
C ARG B 59 1.02 5.07 11.89
N THR B 60 1.97 4.92 10.99
CA THR B 60 1.70 4.75 9.57
C THR B 60 2.35 3.47 9.10
N LEU B 61 1.54 2.54 8.59
CA LEU B 61 2.02 1.24 8.14
C LEU B 61 2.29 1.31 6.64
N ARG B 62 3.56 1.23 6.26
CA ARG B 62 3.98 1.34 4.87
C ARG B 62 4.51 -0.01 4.39
N GLY B 63 4.31 -0.27 3.11
CA GLY B 63 4.76 -1.52 2.53
C GLY B 63 3.82 -2.11 1.50
N HIS B 64 2.52 -1.86 1.64
CA HIS B 64 1.60 -2.19 0.56
C HIS B 64 1.87 -1.28 -0.63
N LEU B 65 1.89 -1.87 -1.83
CA LEU B 65 2.21 -1.15 -3.04
C LEU B 65 1.00 -1.01 -3.97
N ALA B 66 -0.20 -1.24 -3.46
CA ALA B 66 -1.42 -1.10 -4.25
C ALA B 66 -2.57 -0.72 -3.33
N LYS B 67 -3.76 -0.63 -3.91
CA LYS B 67 -4.95 -0.30 -3.13
C LYS B 67 -5.16 -1.31 -2.01
N ILE B 68 -5.31 -0.81 -0.78
CA ILE B 68 -5.72 -1.64 0.34
C ILE B 68 -7.24 -1.76 0.32
N TYR B 69 -7.74 -2.99 0.38
CA TYR B 69 -9.18 -3.22 0.30
C TYR B 69 -9.80 -3.68 1.61
N ALA B 70 -9.02 -4.25 2.52
CA ALA B 70 -9.58 -4.75 3.77
C ALA B 70 -8.49 -4.82 4.83
N MET B 71 -8.93 -4.71 6.08
CA MET B 71 -8.06 -4.93 7.24
C MET B 71 -8.91 -5.51 8.35
N HIS B 72 -8.27 -6.24 9.25
CA HIS B 72 -8.97 -6.76 10.42
C HIS B 72 -8.01 -6.91 11.58
N TRP B 73 -8.39 -6.37 12.73
CA TRP B 73 -7.61 -6.52 13.95
C TRP B 73 -7.68 -7.94 14.50
N GLY B 74 -6.57 -8.39 15.09
CA GLY B 74 -6.63 -9.55 15.93
C GLY B 74 -7.21 -9.24 17.30
N THR B 75 -7.58 -10.29 18.02
CA THR B 75 -8.27 -10.10 19.30
C THR B 75 -7.36 -9.58 20.41
N ASP B 76 -6.04 -9.65 20.23
CA ASP B 76 -5.10 -9.11 21.21
C ASP B 76 -4.94 -7.60 21.11
N SER B 77 -5.63 -6.95 20.16
CA SER B 77 -5.62 -5.51 19.97
C SER B 77 -4.23 -4.98 19.61
N ARG B 78 -3.32 -5.84 19.19
CA ARG B 78 -1.98 -5.44 18.79
C ARG B 78 -1.62 -5.86 17.38
N LEU B 79 -1.99 -7.08 16.98
CA LEU B 79 -1.72 -7.55 15.62
C LEU B 79 -2.92 -7.27 14.73
N LEU B 80 -2.65 -6.91 13.48
CA LEU B 80 -3.70 -6.71 12.50
C LEU B 80 -3.22 -7.22 11.16
N VAL B 81 -4.17 -7.63 10.33
CA VAL B 81 -3.91 -8.12 8.98
C VAL B 81 -4.57 -7.18 8.00
N SER B 82 -3.86 -6.83 6.94
CA SER B 82 -4.39 -5.99 5.88
C SER B 82 -4.21 -6.70 4.54
N ALA B 83 -5.15 -6.47 3.63
CA ALA B 83 -5.12 -7.05 2.30
C ALA B 83 -5.04 -5.95 1.26
N SER B 84 -4.17 -6.14 0.27
CA SER B 84 -4.02 -5.22 -0.83
C SER B 84 -4.01 -6.01 -2.13
N GLN B 85 -4.33 -5.33 -3.24
CA GLN B 85 -4.34 -5.98 -4.54
C GLN B 85 -2.98 -5.96 -5.22
N ASP B 86 -1.90 -5.81 -4.44
CA ASP B 86 -0.58 -6.21 -4.87
C ASP B 86 -0.32 -7.70 -4.62
N GLY B 87 -1.35 -8.44 -4.24
CA GLY B 87 -1.22 -9.86 -3.95
C GLY B 87 -0.51 -10.17 -2.65
N LYS B 88 -0.60 -9.29 -1.66
CA LYS B 88 0.11 -9.47 -0.40
C LYS B 88 -0.86 -9.34 0.76
N LEU B 89 -0.87 -10.36 1.63
CA LEU B 89 -1.47 -10.26 2.95
C LEU B 89 -0.35 -9.95 3.93
N ILE B 90 -0.49 -8.86 4.68
CA ILE B 90 0.52 -8.44 5.64
C ILE B 90 -0.08 -8.42 7.03
N ILE B 91 0.65 -8.98 7.99
CA ILE B 91 0.29 -8.93 9.41
C ILE B 91 1.22 -7.95 10.09
N TRP B 92 0.65 -6.95 10.74
CA TRP B 92 1.40 -5.85 11.33
C TRP B 92 1.42 -5.96 12.85
N ASP B 93 2.57 -5.64 13.44
CA ASP B 93 2.66 -5.35 14.86
C ASP B 93 2.40 -3.86 15.02
N SER B 94 1.19 -3.51 15.47
CA SER B 94 0.78 -2.11 15.45
C SER B 94 1.58 -1.25 16.43
N TYR B 95 2.10 -1.85 17.51
CA TYR B 95 2.86 -1.07 18.47
C TYR B 95 4.20 -0.62 17.89
N THR B 96 4.86 -1.49 17.11
CA THR B 96 6.17 -1.21 16.58
C THR B 96 6.20 -0.96 15.08
N THR B 97 5.07 -1.12 14.39
CA THR B 97 4.96 -1.10 12.93
C THR B 97 5.78 -2.19 12.26
N ASN B 98 6.28 -3.16 13.01
CA ASN B 98 7.00 -4.28 12.42
C ASN B 98 6.06 -5.16 11.61
N LYS B 99 6.56 -5.68 10.50
CA LYS B 99 5.84 -6.67 9.72
C LYS B 99 6.13 -8.06 10.28
N VAL B 100 5.09 -8.73 10.76
CA VAL B 100 5.25 -10.06 11.34
C VAL B 100 5.28 -11.12 10.25
N HIS B 101 4.40 -10.99 9.25
CA HIS B 101 4.33 -11.92 8.14
C HIS B 101 4.01 -11.16 6.86
N ALA B 102 4.37 -11.76 5.73
CA ALA B 102 3.95 -11.29 4.42
C ALA B 102 3.51 -12.51 3.62
N ILE B 103 2.21 -12.65 3.41
CA ILE B 103 1.63 -13.84 2.80
C ILE B 103 1.39 -13.54 1.32
N PRO B 104 2.10 -14.18 0.38
CA PRO B 104 1.80 -13.98 -1.04
C PRO B 104 0.53 -14.73 -1.42
N LEU B 105 -0.40 -14.01 -2.04
CA LEU B 105 -1.69 -14.58 -2.41
C LEU B 105 -1.61 -15.18 -3.82
N ARG B 106 -2.25 -16.34 -3.99
CA ARG B 106 -2.31 -16.97 -5.30
C ARG B 106 -3.09 -16.11 -6.29
N SER B 107 -4.19 -15.51 -5.84
CA SER B 107 -4.96 -14.57 -6.63
C SER B 107 -4.83 -13.19 -6.00
N SER B 108 -4.39 -12.21 -6.80
CA SER B 108 -4.11 -10.89 -6.27
C SER B 108 -5.36 -10.02 -6.11
N TRP B 109 -6.51 -10.47 -6.59
CA TRP B 109 -7.72 -9.65 -6.60
C TRP B 109 -8.49 -9.80 -5.29
N VAL B 110 -7.81 -9.62 -4.17
CA VAL B 110 -8.42 -9.83 -2.87
C VAL B 110 -9.33 -8.65 -2.53
N MET B 111 -10.48 -8.96 -1.93
CA MET B 111 -11.43 -7.94 -1.54
C MET B 111 -11.75 -7.93 -0.05
N THR B 112 -11.46 -9.01 0.67
CA THR B 112 -11.75 -9.10 2.08
C THR B 112 -10.65 -9.89 2.78
N CYS B 113 -10.52 -9.66 4.09
CA CYS B 113 -9.61 -10.44 4.92
C CYS B 113 -10.17 -10.51 6.32
N ALA B 114 -9.87 -11.61 7.01
CA ALA B 114 -10.36 -11.82 8.37
C ALA B 114 -9.26 -12.42 9.23
N TYR B 115 -9.20 -11.98 10.48
CA TYR B 115 -8.30 -12.53 11.48
C TYR B 115 -9.10 -13.41 12.44
N ALA B 116 -8.66 -14.64 12.61
CA ALA B 116 -9.36 -15.55 13.50
C ALA B 116 -9.30 -15.04 14.94
N PRO B 117 -10.35 -15.22 15.73
CA PRO B 117 -10.30 -14.78 17.14
C PRO B 117 -9.22 -15.47 17.95
N SER B 118 -8.86 -16.70 17.60
CA SER B 118 -7.76 -17.37 18.28
C SER B 118 -6.41 -16.80 17.88
N GLY B 119 -6.31 -16.16 16.72
CA GLY B 119 -5.06 -15.65 16.23
C GLY B 119 -4.22 -16.64 15.46
N ASN B 120 -4.72 -17.86 15.27
CA ASN B 120 -3.96 -18.91 14.58
C ASN B 120 -4.20 -18.93 13.09
N TYR B 121 -5.23 -18.23 12.59
CA TYR B 121 -5.59 -18.32 11.18
C TYR B 121 -5.94 -16.94 10.67
N VAL B 122 -5.73 -16.74 9.36
CA VAL B 122 -6.26 -15.60 8.63
C VAL B 122 -6.95 -16.12 7.38
N ALA B 123 -7.90 -15.34 6.87
CA ALA B 123 -8.69 -15.71 5.71
C ALA B 123 -8.74 -14.53 4.75
N CYS B 124 -8.89 -14.84 3.47
CA CYS B 124 -9.02 -13.80 2.46
C CYS B 124 -9.69 -14.40 1.22
N GLY B 125 -10.14 -13.52 0.34
CA GLY B 125 -10.73 -13.94 -0.91
C GLY B 125 -11.30 -12.78 -1.69
N GLY B 126 -11.37 -12.92 -3.01
CA GLY B 126 -11.87 -11.85 -3.85
C GLY B 126 -12.58 -12.32 -5.10
N LEU B 127 -12.17 -11.77 -6.24
CA LEU B 127 -12.75 -12.10 -7.54
C LEU B 127 -12.50 -13.54 -7.95
N ASP B 128 -11.66 -14.29 -7.24
CA ASP B 128 -11.44 -15.69 -7.56
C ASP B 128 -12.52 -16.61 -6.99
N ASN B 129 -13.50 -16.07 -6.27
CA ASN B 129 -14.63 -16.82 -5.73
C ASN B 129 -14.21 -17.88 -4.70
N ILE B 130 -13.05 -17.72 -4.09
CA ILE B 130 -12.49 -18.69 -3.15
C ILE B 130 -12.16 -17.97 -1.86
N CYS B 131 -12.45 -18.62 -0.73
CA CYS B 131 -12.00 -18.17 0.58
C CYS B 131 -10.85 -19.06 1.02
N SER B 132 -9.65 -18.50 1.08
CA SER B 132 -8.45 -19.23 1.42
C SER B 132 -8.12 -19.02 2.89
N ILE B 133 -7.86 -20.12 3.60
CA ILE B 133 -7.50 -20.08 5.01
C ILE B 133 -6.00 -20.30 5.14
N TYR B 134 -5.33 -19.44 5.89
CA TYR B 134 -3.89 -19.50 6.07
C TYR B 134 -3.57 -19.81 7.53
N ASN B 135 -2.71 -20.80 7.74
CA ASN B 135 -2.28 -21.18 9.09
C ASN B 135 -1.05 -20.37 9.47
N LEU B 136 -1.15 -19.61 10.56
CA LEU B 136 -0.04 -18.77 11.01
C LEU B 136 0.90 -19.48 11.96
N LYS B 137 0.50 -20.58 12.58
CA LYS B 137 1.29 -21.27 13.58
C LYS B 137 1.64 -22.66 13.03
N THR B 138 2.73 -22.74 12.29
CA THR B 138 3.22 -24.00 11.76
C THR B 138 4.63 -24.26 12.28
N ARG B 139 4.97 -25.55 12.43
CA ARG B 139 6.32 -25.94 12.82
C ARG B 139 7.36 -25.59 11.76
N GLU B 140 6.93 -25.37 10.52
CA GLU B 140 7.87 -25.06 9.45
C GLU B 140 8.28 -23.60 9.44
N GLY B 141 7.61 -22.74 10.21
CA GLY B 141 8.00 -21.35 10.31
C GLY B 141 7.48 -20.43 9.24
N ASN B 142 6.63 -20.93 8.33
CA ASN B 142 6.05 -20.12 7.28
C ASN B 142 4.54 -20.25 7.30
N VAL B 143 3.87 -19.26 6.73
CA VAL B 143 2.43 -19.30 6.58
C VAL B 143 2.09 -20.11 5.33
N ARG B 144 1.20 -21.08 5.48
CA ARG B 144 0.77 -21.92 4.37
C ARG B 144 -0.75 -21.91 4.28
N VAL B 145 -1.25 -22.14 3.07
CA VAL B 145 -2.68 -22.34 2.89
C VAL B 145 -3.11 -23.64 3.53
N SER B 146 -4.10 -23.57 4.41
CA SER B 146 -4.66 -24.77 5.02
C SER B 146 -5.94 -25.25 4.37
N ARG B 147 -6.74 -24.33 3.82
CA ARG B 147 -7.99 -24.67 3.16
C ARG B 147 -8.32 -23.63 2.10
N GLU B 148 -8.92 -24.08 1.00
CA GLU B 148 -9.51 -23.21 0.01
C GLU B 148 -10.99 -23.57 -0.12
N LEU B 149 -11.86 -22.65 0.30
CA LEU B 149 -13.30 -22.90 0.35
C LEU B 149 -13.91 -22.50 -0.98
N ALA B 150 -14.22 -23.49 -1.81
CA ALA B 150 -14.84 -23.27 -3.11
C ALA B 150 -16.33 -23.61 -3.06
N GLY B 151 -17.09 -22.97 -3.93
CA GLY B 151 -18.53 -23.16 -3.94
C GLY B 151 -19.35 -21.94 -4.29
N HIS B 152 -18.83 -20.74 -4.00
CA HIS B 152 -19.50 -19.53 -4.44
C HIS B 152 -19.30 -19.33 -5.94
N THR B 153 -20.35 -18.84 -6.59
CA THR B 153 -20.31 -18.54 -8.02
C THR B 153 -20.15 -17.05 -8.31
N GLY B 154 -19.85 -16.26 -7.29
CA GLY B 154 -19.54 -14.85 -7.47
C GLY B 154 -18.36 -14.45 -6.62
N TYR B 155 -17.98 -13.18 -6.73
CA TYR B 155 -16.82 -12.71 -5.99
C TYR B 155 -17.11 -12.76 -4.49
N LEU B 156 -16.06 -12.99 -3.71
CA LEU B 156 -16.16 -13.00 -2.26
C LEU B 156 -16.02 -11.58 -1.73
N SER B 157 -17.04 -11.09 -1.03
CA SER B 157 -17.05 -9.72 -0.55
C SER B 157 -16.68 -9.59 0.92
N CYS B 158 -17.00 -10.58 1.75
CA CYS B 158 -16.65 -10.50 3.16
C CYS B 158 -16.57 -11.90 3.74
N CYS B 159 -15.79 -12.03 4.81
CA CYS B 159 -15.63 -13.29 5.52
C CYS B 159 -15.32 -13.00 6.98
N ARG B 160 -15.86 -13.84 7.87
CA ARG B 160 -15.64 -13.68 9.31
C ARG B 160 -15.59 -15.04 9.97
N PHE B 161 -14.55 -15.26 10.78
CA PHE B 161 -14.44 -16.49 11.55
C PHE B 161 -15.43 -16.52 12.70
N LEU B 162 -16.04 -17.68 12.92
CA LEU B 162 -16.73 -17.94 14.18
C LEU B 162 -15.79 -18.57 15.19
N ASP B 163 -14.95 -19.48 14.74
CA ASP B 163 -13.89 -20.10 15.53
C ASP B 163 -12.86 -20.62 14.54
N ASP B 164 -11.95 -21.47 15.03
CA ASP B 164 -10.91 -22.01 14.14
C ASP B 164 -11.47 -22.96 13.10
N ASN B 165 -12.70 -23.46 13.28
CA ASN B 165 -13.27 -24.44 12.38
C ASN B 165 -14.45 -23.92 11.57
N GLN B 166 -15.05 -22.79 11.94
CA GLN B 166 -16.20 -22.25 11.24
C GLN B 166 -15.93 -20.84 10.76
N ILE B 167 -16.40 -20.53 9.55
CA ILE B 167 -16.29 -19.19 8.98
C ILE B 167 -17.54 -18.93 8.15
N VAL B 168 -18.01 -17.68 8.16
CA VAL B 168 -19.13 -17.24 7.36
C VAL B 168 -18.60 -16.34 6.25
N THR B 169 -19.01 -16.60 5.02
CA THR B 169 -18.62 -15.80 3.87
C THR B 169 -19.85 -15.28 3.15
N SER B 170 -19.78 -14.04 2.68
CA SER B 170 -20.78 -13.46 1.79
C SER B 170 -20.18 -13.26 0.42
N SER B 171 -21.00 -13.47 -0.61
CA SER B 171 -20.52 -13.45 -1.99
C SER B 171 -21.41 -12.54 -2.83
N GLY B 172 -20.92 -12.25 -4.03
CA GLY B 172 -21.67 -11.53 -5.04
C GLY B 172 -22.69 -12.33 -5.81
N ASP B 173 -22.81 -13.63 -5.53
CA ASP B 173 -23.86 -14.46 -6.12
C ASP B 173 -25.16 -14.42 -5.31
N THR B 174 -25.33 -13.39 -4.48
CA THR B 174 -26.54 -13.08 -3.71
C THR B 174 -26.74 -14.00 -2.52
N THR B 175 -25.76 -14.84 -2.17
CA THR B 175 -25.91 -15.78 -1.07
C THR B 175 -24.77 -15.62 -0.07
N CYS B 176 -25.07 -15.93 1.18
CA CYS B 176 -24.07 -16.10 2.22
C CYS B 176 -23.99 -17.58 2.59
N ALA B 177 -22.81 -18.00 3.07
CA ALA B 177 -22.61 -19.39 3.42
C ALA B 177 -21.87 -19.51 4.74
N LEU B 178 -22.22 -20.55 5.50
CA LEU B 178 -21.46 -20.96 6.67
C LEU B 178 -20.64 -22.19 6.32
N TRP B 179 -19.35 -22.15 6.61
CA TRP B 179 -18.42 -23.18 6.15
C TRP B 179 -17.87 -23.97 7.34
N ASP B 180 -17.67 -25.27 7.11
CA ASP B 180 -16.88 -26.11 8.01
C ASP B 180 -15.47 -26.19 7.43
N ILE B 181 -14.52 -25.54 8.11
CA ILE B 181 -13.17 -25.40 7.55
C ILE B 181 -12.47 -26.75 7.46
N GLU B 182 -12.69 -27.62 8.46
CA GLU B 182 -11.98 -28.90 8.46
C GLU B 182 -12.40 -29.78 7.28
N THR B 183 -13.69 -29.82 6.98
CA THR B 183 -14.18 -30.60 5.85
C THR B 183 -14.23 -29.81 4.56
N GLY B 184 -14.11 -28.49 4.60
CA GLY B 184 -14.12 -27.69 3.40
C GLY B 184 -15.47 -27.53 2.75
N GLN B 185 -16.55 -27.92 3.41
CA GLN B 185 -17.89 -27.88 2.85
C GLN B 185 -18.72 -26.83 3.57
N GLN B 186 -19.64 -26.21 2.82
CA GLN B 186 -20.56 -25.24 3.40
C GLN B 186 -21.72 -25.95 4.07
N THR B 187 -21.78 -25.87 5.39
CA THR B 187 -22.83 -26.57 6.13
C THR B 187 -24.19 -25.93 5.91
N THR B 188 -24.23 -24.60 5.87
CA THR B 188 -25.46 -23.86 5.70
C THR B 188 -25.30 -22.83 4.59
N THR B 189 -26.34 -22.68 3.77
CA THR B 189 -26.38 -21.66 2.74
C THR B 189 -27.52 -20.69 3.05
N PHE B 190 -27.22 -19.40 3.05
CA PHE B 190 -28.18 -18.36 3.38
C PHE B 190 -28.61 -17.65 2.11
N THR B 191 -29.83 -17.92 1.66
CA THR B 191 -30.37 -17.36 0.44
C THR B 191 -31.53 -16.43 0.76
N GLY B 192 -31.76 -15.47 -0.12
CA GLY B 192 -32.86 -14.53 0.05
C GLY B 192 -32.56 -13.12 -0.42
N HIS B 193 -31.28 -12.77 -0.51
CA HIS B 193 -30.91 -11.49 -1.10
C HIS B 193 -31.07 -11.54 -2.61
N THR B 194 -31.61 -10.47 -3.18
CA THR B 194 -31.77 -10.37 -4.62
C THR B 194 -30.63 -9.63 -5.30
N GLY B 195 -29.64 -9.16 -4.54
CA GLY B 195 -28.47 -8.53 -5.10
C GLY B 195 -27.20 -9.07 -4.47
N ASP B 196 -26.07 -8.54 -4.95
CA ASP B 196 -24.77 -8.96 -4.43
C ASP B 196 -24.64 -8.55 -2.98
N VAL B 197 -24.38 -9.53 -2.11
CA VAL B 197 -24.14 -9.25 -0.70
C VAL B 197 -22.73 -8.68 -0.57
N MET B 198 -22.62 -7.47 -0.01
CA MET B 198 -21.35 -6.76 0.01
C MET B 198 -20.61 -6.84 1.33
N SER B 199 -21.31 -7.12 2.44
CA SER B 199 -20.67 -7.13 3.74
C SER B 199 -21.48 -8.01 4.69
N LEU B 200 -20.82 -8.41 5.77
CA LEU B 200 -21.50 -9.08 6.87
C LEU B 200 -20.81 -8.73 8.17
N SER B 201 -21.56 -8.80 9.26
CA SER B 201 -21.03 -8.59 10.60
C SER B 201 -21.57 -9.66 11.53
N LEU B 202 -20.71 -10.20 12.37
CA LEU B 202 -21.10 -11.22 13.33
C LEU B 202 -21.55 -10.58 14.64
N ALA B 203 -22.59 -11.14 15.23
CA ALA B 203 -23.01 -10.72 16.56
C ALA B 203 -21.96 -11.15 17.60
N PRO B 204 -21.87 -10.44 18.72
CA PRO B 204 -20.84 -10.78 19.72
C PRO B 204 -20.92 -12.21 20.21
N ASP B 205 -22.11 -12.79 20.29
CA ASP B 205 -22.25 -14.19 20.68
C ASP B 205 -22.11 -15.14 19.49
N THR B 206 -21.93 -14.61 18.28
CA THR B 206 -21.72 -15.41 17.06
C THR B 206 -22.86 -16.38 16.81
N ARG B 207 -24.07 -16.05 17.28
CA ARG B 207 -25.26 -16.83 16.94
C ARG B 207 -26.07 -16.21 15.82
N LEU B 208 -25.86 -14.92 15.54
CA LEU B 208 -26.55 -14.22 14.47
C LEU B 208 -25.55 -13.42 13.67
N PHE B 209 -25.92 -13.07 12.45
CA PHE B 209 -25.13 -12.13 11.67
C PHE B 209 -26.04 -11.37 10.71
N VAL B 210 -25.69 -10.11 10.46
CA VAL B 210 -26.40 -9.26 9.52
C VAL B 210 -25.58 -9.15 8.25
N SER B 211 -26.26 -9.04 7.13
CA SER B 211 -25.60 -8.85 5.84
C SER B 211 -26.29 -7.74 5.06
N GLY B 212 -25.48 -6.95 4.36
CA GLY B 212 -25.98 -5.89 3.49
C GLY B 212 -25.66 -6.22 2.04
N ALA B 213 -26.65 -6.05 1.18
CA ALA B 213 -26.53 -6.40 -0.22
C ALA B 213 -26.75 -5.18 -1.10
N CYS B 214 -26.70 -5.40 -2.41
CA CYS B 214 -26.93 -4.34 -3.39
C CYS B 214 -28.40 -4.13 -3.71
N ASP B 215 -29.31 -4.92 -3.12
CA ASP B 215 -30.73 -4.64 -3.17
C ASP B 215 -31.18 -3.63 -2.11
N ALA B 216 -30.23 -2.92 -1.51
CA ALA B 216 -30.52 -1.87 -0.53
C ALA B 216 -31.25 -2.39 0.71
N SER B 217 -31.03 -3.66 1.05
CA SER B 217 -31.70 -4.27 2.17
C SER B 217 -30.69 -5.01 3.04
N ALA B 218 -30.97 -5.05 4.34
CA ALA B 218 -30.15 -5.75 5.31
C ALA B 218 -30.98 -6.85 5.97
N LYS B 219 -30.46 -8.08 5.95
CA LYS B 219 -31.15 -9.23 6.51
C LYS B 219 -30.39 -9.77 7.72
N LEU B 220 -31.13 -10.14 8.74
CA LEU B 220 -30.58 -10.76 9.95
C LEU B 220 -30.75 -12.26 9.85
N TRP B 221 -29.65 -13.00 9.94
CA TRP B 221 -29.64 -14.44 9.72
C TRP B 221 -29.32 -15.18 11.02
N ASP B 222 -29.97 -16.31 11.21
CA ASP B 222 -29.65 -17.22 12.31
C ASP B 222 -28.60 -18.22 11.82
N VAL B 223 -27.48 -18.29 12.53
CA VAL B 223 -26.38 -19.15 12.08
C VAL B 223 -26.78 -20.62 12.18
N ARG B 224 -27.32 -21.03 13.33
CA ARG B 224 -27.63 -22.43 13.55
C ARG B 224 -28.84 -22.87 12.74
N GLU B 225 -29.92 -22.08 12.75
CA GLU B 225 -31.13 -22.49 12.06
C GLU B 225 -30.99 -22.33 10.56
N GLY B 226 -30.30 -21.30 10.11
CA GLY B 226 -30.00 -21.13 8.70
C GLY B 226 -31.03 -20.41 7.87
N MET B 227 -31.95 -19.68 8.50
CA MET B 227 -32.97 -18.92 7.77
C MET B 227 -32.87 -17.45 8.14
N CYS B 228 -33.51 -16.60 7.33
CA CYS B 228 -33.55 -15.18 7.58
C CYS B 228 -34.63 -14.87 8.61
N ARG B 229 -34.24 -14.22 9.70
CA ARG B 229 -35.21 -13.85 10.73
C ARG B 229 -35.92 -12.55 10.40
N GLN B 230 -35.16 -11.52 10.03
CA GLN B 230 -35.73 -10.19 9.78
C GLN B 230 -35.05 -9.57 8.57
N THR B 231 -35.79 -8.68 7.89
CA THR B 231 -35.27 -7.93 6.75
C THR B 231 -35.44 -6.44 7.03
N PHE B 232 -34.36 -5.67 6.81
CA PHE B 232 -34.35 -4.25 7.09
C PHE B 232 -34.14 -3.49 5.78
N THR B 233 -35.07 -2.61 5.45
CA THR B 233 -34.99 -1.78 4.26
C THR B 233 -35.01 -0.30 4.67
N GLY B 234 -34.76 0.56 3.68
CA GLY B 234 -34.71 1.99 3.94
C GLY B 234 -33.62 2.72 3.17
N HIS B 235 -32.56 2.01 2.81
CA HIS B 235 -31.54 2.60 1.95
C HIS B 235 -32.05 2.74 0.52
N GLU B 236 -31.47 3.68 -0.21
CA GLU B 236 -31.84 3.93 -1.59
C GLU B 236 -30.85 3.38 -2.60
N SER B 237 -29.70 2.87 -2.15
CA SER B 237 -28.70 2.32 -3.05
C SER B 237 -28.02 1.15 -2.36
N ASP B 238 -27.03 0.58 -3.04
CA ASP B 238 -26.34 -0.60 -2.55
C ASP B 238 -25.71 -0.34 -1.19
N ILE B 239 -25.88 -1.30 -0.27
CA ILE B 239 -25.21 -1.25 1.02
C ILE B 239 -23.80 -1.82 0.88
N ASN B 240 -22.81 -1.06 1.32
CA ASN B 240 -21.42 -1.48 1.21
C ASN B 240 -20.79 -1.91 2.53
N ALA B 241 -21.35 -1.50 3.65
CA ALA B 241 -20.74 -1.75 4.95
C ALA B 241 -21.81 -2.01 5.98
N ILE B 242 -21.46 -2.78 7.01
CA ILE B 242 -22.39 -3.15 8.07
C ILE B 242 -21.57 -3.52 9.29
N CYS B 243 -22.08 -3.20 10.48
CA CYS B 243 -21.37 -3.45 11.71
C CYS B 243 -22.36 -3.57 12.86
N PHE B 244 -22.22 -4.62 13.65
CA PHE B 244 -23.07 -4.82 14.80
C PHE B 244 -22.73 -3.84 15.92
N PHE B 245 -23.77 -3.41 16.65
CA PHE B 245 -23.56 -2.66 17.87
C PHE B 245 -22.92 -3.57 18.92
N PRO B 246 -22.08 -3.01 19.81
CA PRO B 246 -21.33 -3.88 20.74
C PRO B 246 -22.18 -4.77 21.61
N ASN B 247 -23.44 -4.42 21.88
CA ASN B 247 -24.31 -5.30 22.66
C ASN B 247 -25.08 -6.29 21.81
N GLY B 248 -25.00 -6.19 20.48
CA GLY B 248 -25.65 -7.13 19.59
C GLY B 248 -27.12 -6.87 19.32
N ASN B 249 -27.70 -5.80 19.87
CA ASN B 249 -29.11 -5.50 19.68
C ASN B 249 -29.37 -4.49 18.58
N ALA B 250 -28.33 -4.04 17.88
CA ALA B 250 -28.50 -3.08 16.79
C ALA B 250 -27.33 -3.22 15.84
N PHE B 251 -27.48 -2.62 14.66
CA PHE B 251 -26.40 -2.58 13.69
C PHE B 251 -26.54 -1.32 12.84
N ALA B 252 -25.42 -0.89 12.27
CA ALA B 252 -25.38 0.26 11.39
C ALA B 252 -24.93 -0.16 10.00
N THR B 253 -25.46 0.50 8.98
CA THR B 253 -25.13 0.20 7.61
C THR B 253 -24.59 1.46 6.92
N GLY B 254 -23.84 1.24 5.85
CA GLY B 254 -23.39 2.33 5.00
C GLY B 254 -23.66 2.03 3.54
N SER B 255 -24.21 2.99 2.82
CA SER B 255 -24.63 2.78 1.45
C SER B 255 -23.96 3.78 0.51
N ASP B 256 -24.22 3.62 -0.78
CA ASP B 256 -23.73 4.55 -1.79
C ASP B 256 -24.51 5.86 -1.83
N ASP B 257 -25.61 5.97 -1.09
CA ASP B 257 -26.39 7.20 -1.05
C ASP B 257 -25.88 8.19 -0.01
N ALA B 258 -24.64 8.03 0.45
CA ALA B 258 -24.00 8.95 1.38
C ALA B 258 -24.70 9.01 2.72
N THR B 259 -25.36 7.93 3.12
CA THR B 259 -26.08 7.89 4.38
C THR B 259 -25.69 6.64 5.18
N CYS B 260 -25.72 6.79 6.50
CA CYS B 260 -25.61 5.66 7.43
C CYS B 260 -26.89 5.57 8.24
N ARG B 261 -27.40 4.36 8.40
CA ARG B 261 -28.63 4.14 9.13
C ARG B 261 -28.40 3.14 10.26
N LEU B 262 -29.03 3.40 11.41
CA LEU B 262 -28.94 2.53 12.57
C LEU B 262 -30.25 1.77 12.71
N PHE B 263 -30.19 0.46 12.47
CA PHE B 263 -31.35 -0.40 12.60
C PHE B 263 -31.31 -1.14 13.93
N ASP B 264 -32.49 -1.35 14.51
CA ASP B 264 -32.63 -2.10 15.76
C ASP B 264 -33.22 -3.45 15.45
N LEU B 265 -32.64 -4.50 16.06
CA LEU B 265 -33.15 -5.85 15.83
C LEU B 265 -34.52 -6.04 16.46
N ARG B 266 -34.67 -5.63 17.72
CA ARG B 266 -35.91 -5.90 18.45
C ARG B 266 -37.05 -4.98 18.00
N ALA B 267 -36.75 -3.72 17.71
CA ALA B 267 -37.76 -2.84 17.15
C ALA B 267 -38.00 -3.09 15.67
N ASP B 268 -37.10 -3.81 15.01
CA ASP B 268 -37.29 -4.28 13.63
C ASP B 268 -37.51 -3.11 12.67
N GLN B 269 -36.80 -2.02 12.86
CA GLN B 269 -36.95 -0.85 12.00
C GLN B 269 -35.75 0.07 12.17
N GLU B 270 -35.65 1.03 11.25
CA GLU B 270 -34.61 2.04 11.32
C GLU B 270 -34.86 3.01 12.47
N LEU B 271 -33.78 3.40 13.15
CA LEU B 271 -33.87 4.32 14.27
C LEU B 271 -33.26 5.69 13.99
N MET B 272 -32.24 5.78 13.14
CA MET B 272 -31.53 7.04 12.97
C MET B 272 -30.77 7.00 11.66
N THR B 273 -30.66 8.17 11.03
CA THR B 273 -29.93 8.36 9.78
C THR B 273 -28.75 9.28 10.02
N TYR B 274 -27.60 8.93 9.46
CA TYR B 274 -26.36 9.69 9.62
C TYR B 274 -25.94 10.19 8.24
N SER B 275 -26.35 11.41 7.89
CA SER B 275 -26.00 11.98 6.60
C SER B 275 -25.79 13.48 6.75
N HIS B 276 -25.02 14.04 5.82
CA HIS B 276 -24.75 15.47 5.77
C HIS B 276 -24.92 15.96 4.34
N ASP B 277 -25.24 17.24 4.20
CA ASP B 277 -25.47 17.80 2.86
C ASP B 277 -24.18 17.87 2.05
N ASN B 278 -23.04 18.14 2.69
CA ASN B 278 -21.77 18.16 1.98
C ASN B 278 -21.38 16.78 1.47
N ILE B 279 -21.82 15.72 2.15
CA ILE B 279 -21.41 14.36 1.79
C ILE B 279 -22.28 13.87 0.65
N ILE B 280 -21.67 13.57 -0.48
CA ILE B 280 -22.39 13.10 -1.66
C ILE B 280 -21.73 11.83 -2.18
N CYS B 281 -20.76 11.31 -1.45
CA CYS B 281 -19.99 10.15 -1.88
C CYS B 281 -20.44 8.90 -1.12
N GLY B 282 -20.11 7.75 -1.71
CA GLY B 282 -20.48 6.48 -1.10
C GLY B 282 -19.66 6.18 0.15
N ILE B 283 -20.21 5.28 0.96
CA ILE B 283 -19.58 4.85 2.20
C ILE B 283 -19.02 3.44 1.99
N THR B 284 -17.79 3.22 2.44
CA THR B 284 -17.10 1.96 2.21
C THR B 284 -17.02 1.07 3.45
N SER B 285 -16.93 1.66 4.63
CA SER B 285 -16.70 0.89 5.85
C SER B 285 -17.31 1.63 7.03
N VAL B 286 -17.79 0.86 8.02
CA VAL B 286 -18.37 1.42 9.23
C VAL B 286 -17.89 0.60 10.42
N SER B 287 -17.74 1.26 11.56
CA SER B 287 -17.35 0.58 12.79
C SER B 287 -17.80 1.42 13.97
N PHE B 288 -17.89 0.78 15.13
CA PHE B 288 -18.26 1.43 16.37
C PHE B 288 -17.08 1.47 17.33
N SER B 289 -17.09 2.46 18.22
CA SER B 289 -16.16 2.46 19.33
C SER B 289 -16.57 1.41 20.35
N LYS B 290 -15.71 1.20 21.35
CA LYS B 290 -15.90 0.08 22.28
C LYS B 290 -17.22 0.22 23.04
N SER B 291 -17.56 1.43 23.45
CA SER B 291 -18.84 1.67 24.12
C SER B 291 -19.99 1.83 23.13
N GLY B 292 -19.71 1.93 21.84
CA GLY B 292 -20.75 2.13 20.86
C GLY B 292 -21.23 3.55 20.70
N ARG B 293 -20.68 4.49 21.48
CA ARG B 293 -21.13 5.87 21.40
C ARG B 293 -20.69 6.55 20.11
N LEU B 294 -19.58 6.11 19.52
CA LEU B 294 -19.07 6.69 18.30
C LEU B 294 -19.25 5.72 17.14
N LEU B 295 -19.70 6.23 16.01
CA LEU B 295 -19.79 5.49 14.76
C LEU B 295 -18.80 6.08 13.77
N LEU B 296 -17.79 5.31 13.40
CA LEU B 296 -16.78 5.75 12.47
C LEU B 296 -17.07 5.16 11.09
N ALA B 297 -17.11 6.01 10.08
CA ALA B 297 -17.46 5.61 8.73
C ALA B 297 -16.40 6.12 7.76
N GLY B 298 -15.97 5.26 6.84
CA GLY B 298 -15.06 5.65 5.77
C GLY B 298 -15.82 6.00 4.51
N TYR B 299 -15.33 6.99 3.79
CA TYR B 299 -16.06 7.59 2.68
C TYR B 299 -15.18 7.61 1.43
N ASP B 300 -15.83 7.81 0.29
CA ASP B 300 -15.11 7.96 -0.98
C ASP B 300 -14.39 9.29 -1.09
N ASP B 301 -14.76 10.29 -0.29
CA ASP B 301 -14.15 11.62 -0.39
C ASP B 301 -12.83 11.72 0.36
N PHE B 302 -12.17 10.59 0.58
CA PHE B 302 -10.82 10.44 1.14
C PHE B 302 -10.80 10.63 2.66
N ASN B 303 -11.96 10.75 3.30
CA ASN B 303 -12.02 11.08 4.72
C ASN B 303 -12.76 9.99 5.48
N CYS B 304 -12.56 9.99 6.79
CA CYS B 304 -13.32 9.14 7.71
C CYS B 304 -14.00 10.05 8.71
N ASN B 305 -15.33 10.00 8.75
CA ASN B 305 -16.12 10.85 9.63
C ASN B 305 -16.54 10.07 10.87
N VAL B 306 -16.29 10.66 12.03
CA VAL B 306 -16.70 10.09 13.30
C VAL B 306 -18.05 10.69 13.68
N TRP B 307 -19.06 9.84 13.81
CA TRP B 307 -20.41 10.28 14.12
C TRP B 307 -20.73 9.99 15.57
N ASP B 308 -21.60 10.82 16.16
CA ASP B 308 -22.23 10.50 17.42
C ASP B 308 -23.41 9.57 17.13
N ALA B 309 -23.30 8.31 17.60
CA ALA B 309 -24.33 7.32 17.26
C ALA B 309 -25.68 7.71 17.82
N LEU B 310 -25.71 8.24 19.04
CA LEU B 310 -26.98 8.56 19.68
C LEU B 310 -27.59 9.84 19.14
N LYS B 311 -26.77 10.86 18.84
CA LYS B 311 -27.28 12.18 18.49
C LYS B 311 -27.11 12.52 17.01
N ALA B 312 -26.51 11.63 16.21
CA ALA B 312 -26.34 11.86 14.77
C ALA B 312 -25.59 13.15 14.47
N ASP B 313 -24.59 13.45 15.29
CA ASP B 313 -23.72 14.61 15.10
C ASP B 313 -22.35 14.16 14.62
N ARG B 314 -21.80 14.89 13.66
CA ARG B 314 -20.45 14.59 13.18
C ARG B 314 -19.45 15.06 14.23
N ALA B 315 -18.87 14.10 14.95
CA ALA B 315 -17.98 14.44 16.07
C ALA B 315 -16.59 14.85 15.58
N GLY B 316 -16.10 14.25 14.50
CA GLY B 316 -14.78 14.58 14.03
C GLY B 316 -14.53 13.98 12.66
N VAL B 317 -13.35 14.25 12.13
CA VAL B 317 -12.94 13.81 10.80
C VAL B 317 -11.53 13.26 10.90
N LEU B 318 -11.30 12.09 10.30
CA LEU B 318 -9.95 11.55 10.12
C LEU B 318 -9.55 11.80 8.66
N ALA B 319 -8.72 12.82 8.44
CA ALA B 319 -8.27 13.20 7.12
C ALA B 319 -6.76 12.97 7.03
N GLY B 320 -6.38 11.77 6.57
CA GLY B 320 -4.97 11.45 6.45
C GLY B 320 -4.66 10.59 5.24
N HIS B 321 -5.58 10.52 4.28
CA HIS B 321 -5.41 9.69 3.11
C HIS B 321 -5.67 10.49 1.85
N ASP B 322 -4.97 10.12 0.78
CA ASP B 322 -5.08 10.79 -0.50
C ASP B 322 -5.96 10.03 -1.49
N ASN B 323 -6.62 8.97 -1.04
CA ASN B 323 -7.56 8.24 -1.88
C ASN B 323 -8.67 7.72 -0.98
N ARG B 324 -9.53 6.86 -1.53
CA ARG B 324 -10.67 6.35 -0.79
C ARG B 324 -10.22 5.66 0.49
N VAL B 325 -10.92 5.93 1.59
CA VAL B 325 -10.81 5.10 2.78
C VAL B 325 -11.63 3.84 2.51
N SER B 326 -10.95 2.73 2.27
CA SER B 326 -11.62 1.50 1.85
C SER B 326 -12.04 0.63 3.02
N CYS B 327 -11.41 0.77 4.18
CA CYS B 327 -11.69 -0.09 5.31
C CYS B 327 -11.24 0.60 6.59
N LEU B 328 -11.86 0.20 7.70
CA LEU B 328 -11.43 0.65 9.01
C LEU B 328 -11.87 -0.37 10.03
N GLY B 329 -11.26 -0.31 11.20
CA GLY B 329 -11.60 -1.22 12.29
C GLY B 329 -11.10 -0.71 13.61
N VAL B 330 -11.84 -1.02 14.67
CA VAL B 330 -11.53 -0.60 16.02
C VAL B 330 -11.10 -1.82 16.82
N THR B 331 -10.05 -1.64 17.63
CA THR B 331 -9.53 -2.74 18.43
C THR B 331 -10.58 -3.22 19.44
N ASP B 332 -10.38 -4.46 19.91
CA ASP B 332 -11.31 -5.01 20.89
C ASP B 332 -11.28 -4.26 22.21
N ASP B 333 -10.11 -3.76 22.62
CA ASP B 333 -10.03 -2.97 23.83
C ASP B 333 -10.44 -1.51 23.60
N GLY B 334 -10.71 -1.12 22.36
CA GLY B 334 -11.16 0.23 22.07
C GLY B 334 -10.07 1.28 22.08
N MET B 335 -8.80 0.87 22.10
CA MET B 335 -7.72 1.82 22.31
C MET B 335 -7.45 2.66 21.06
N ALA B 336 -7.57 2.06 19.88
CA ALA B 336 -7.20 2.75 18.65
C ALA B 336 -8.10 2.30 17.52
N VAL B 337 -8.07 3.07 16.43
CA VAL B 337 -8.79 2.73 15.21
C VAL B 337 -7.80 2.78 14.06
N ALA B 338 -7.83 1.76 13.20
CA ALA B 338 -6.99 1.71 12.02
C ALA B 338 -7.83 2.00 10.78
N THR B 339 -7.27 2.76 9.85
CA THR B 339 -7.92 3.06 8.58
C THR B 339 -7.00 2.64 7.44
N GLY B 340 -7.54 1.86 6.51
CA GLY B 340 -6.84 1.49 5.30
C GLY B 340 -7.42 2.26 4.12
N SER B 341 -6.61 2.45 3.09
CA SER B 341 -7.00 3.33 2.00
C SER B 341 -6.40 2.85 0.69
N TRP B 342 -6.98 3.32 -0.41
CA TRP B 342 -6.48 3.05 -1.74
C TRP B 342 -5.14 3.71 -2.03
N ASP B 343 -4.68 4.61 -1.17
CA ASP B 343 -3.36 5.21 -1.34
C ASP B 343 -2.23 4.31 -0.83
N SER B 344 -2.55 3.08 -0.43
CA SER B 344 -1.62 2.02 -0.06
C SER B 344 -1.04 2.18 1.34
N PHE B 345 -1.65 2.99 2.20
CA PHE B 345 -1.15 3.19 3.56
C PHE B 345 -2.22 2.81 4.57
N LEU B 346 -1.76 2.34 5.73
CA LEU B 346 -2.61 2.14 6.89
C LEU B 346 -2.16 3.08 7.99
N LYS B 347 -3.13 3.67 8.70
CA LYS B 347 -2.83 4.59 9.78
C LYS B 347 -3.61 4.20 11.02
N ILE B 348 -2.96 4.35 12.18
CA ILE B 348 -3.55 4.04 13.48
C ILE B 348 -3.84 5.36 14.18
N TRP B 349 -5.06 5.52 14.67
CA TRP B 349 -5.51 6.77 15.26
C TRP B 349 -5.99 6.56 16.69
N ASN B 350 -5.68 7.51 17.55
CA ASN B 350 -6.37 7.66 18.84
C ASN B 350 -6.12 9.07 19.33
N GLY B 351 -6.91 9.47 20.34
CA GLY B 351 -6.82 10.81 20.89
C GLY B 351 -5.80 10.92 22.00
N SER B 352 -5.67 12.14 22.52
CA SER B 352 -4.80 12.42 23.65
C SER B 352 -5.53 13.32 24.64
N SER B 353 -5.21 13.15 25.92
CA SER B 353 -5.84 13.94 26.97
C SER B 353 -5.42 15.40 26.88
N THR C 6 -42.81 -23.36 -14.49
CA THR C 6 -43.36 -23.25 -13.14
C THR C 6 -42.30 -22.75 -12.16
N ALA C 7 -41.30 -22.04 -12.68
CA ALA C 7 -40.26 -21.50 -11.82
C ALA C 7 -40.76 -20.29 -11.04
N SER C 8 -41.51 -19.41 -11.68
CA SER C 8 -42.01 -18.22 -11.01
C SER C 8 -43.00 -18.56 -9.91
N ILE C 9 -43.90 -19.51 -10.16
CA ILE C 9 -44.89 -19.88 -9.14
C ILE C 9 -44.23 -20.54 -7.94
N ALA C 10 -43.17 -21.32 -8.18
CA ALA C 10 -42.44 -21.93 -7.07
C ALA C 10 -41.73 -20.87 -6.23
N GLN C 11 -41.14 -19.87 -6.88
CA GLN C 11 -40.49 -18.79 -6.15
C GLN C 11 -41.50 -17.96 -5.37
N ALA C 12 -42.71 -17.78 -5.93
CA ALA C 12 -43.72 -16.98 -5.25
C ALA C 12 -44.15 -17.63 -3.94
N ARG C 13 -44.29 -18.97 -3.94
CA ARG C 13 -44.67 -19.67 -2.72
C ARG C 13 -43.60 -19.50 -1.63
N LYS C 14 -42.33 -19.59 -2.03
CA LYS C 14 -41.25 -19.43 -1.06
C LYS C 14 -41.19 -18.03 -0.50
N LEU C 15 -41.35 -17.01 -1.35
CA LEU C 15 -41.32 -15.63 -0.89
C LEU C 15 -42.49 -15.32 0.05
N VAL C 16 -43.68 -15.82 -0.26
CA VAL C 16 -44.83 -15.62 0.61
C VAL C 16 -44.61 -16.33 1.94
N GLU C 17 -44.08 -17.55 1.90
CA GLU C 17 -43.85 -18.31 3.13
C GLU C 17 -42.83 -17.62 4.02
N GLN C 18 -41.81 -17.01 3.43
CA GLN C 18 -40.81 -16.29 4.20
C GLN C 18 -41.42 -15.07 4.89
N LEU C 19 -42.28 -14.33 4.18
CA LEU C 19 -42.87 -13.13 4.76
C LEU C 19 -43.77 -13.46 5.94
N LYS C 20 -44.33 -14.66 5.99
CA LYS C 20 -45.13 -15.05 7.15
C LYS C 20 -44.27 -15.16 8.41
N MET C 21 -43.06 -15.73 8.27
CA MET C 21 -42.19 -15.86 9.43
C MET C 21 -41.74 -14.50 9.96
N GLU C 22 -41.43 -13.57 9.06
CA GLU C 22 -40.95 -12.26 9.49
C GLU C 22 -42.06 -11.42 10.10
N ALA C 23 -43.31 -11.65 9.69
CA ALA C 23 -44.44 -10.87 10.18
C ALA C 23 -44.94 -11.33 11.54
N ASN C 24 -44.47 -12.47 12.04
CA ASN C 24 -44.97 -13.03 13.30
C ASN C 24 -44.03 -12.80 14.47
N ILE C 25 -43.04 -11.92 14.33
CA ILE C 25 -42.10 -11.68 15.41
C ILE C 25 -42.67 -10.66 16.38
N ASP C 26 -42.19 -10.71 17.62
CA ASP C 26 -42.59 -9.76 18.65
C ASP C 26 -41.73 -8.51 18.55
N ARG C 27 -42.39 -7.35 18.48
CA ARG C 27 -41.71 -6.06 18.36
C ARG C 27 -41.94 -5.24 19.61
N ILE C 28 -40.86 -4.71 20.19
CA ILE C 28 -40.95 -3.78 21.29
C ILE C 28 -41.02 -2.37 20.74
N LYS C 29 -41.41 -1.43 21.62
CA LYS C 29 -41.51 -0.04 21.20
C LYS C 29 -40.13 0.53 20.89
N VAL C 30 -40.10 1.53 20.00
CA VAL C 30 -38.84 2.18 19.64
C VAL C 30 -38.25 2.89 20.85
N SER C 31 -39.11 3.47 21.69
CA SER C 31 -38.62 4.13 22.90
C SER C 31 -37.93 3.14 23.82
N LYS C 32 -38.49 1.93 23.96
CA LYS C 32 -37.84 0.90 24.77
C LYS C 32 -36.51 0.48 24.15
N ALA C 33 -36.47 0.30 22.84
CA ALA C 33 -35.22 -0.08 22.17
C ALA C 33 -34.20 1.05 22.22
N ALA C 34 -34.65 2.29 22.04
CA ALA C 34 -33.75 3.42 22.10
C ALA C 34 -33.13 3.58 23.49
N ALA C 35 -33.91 3.33 24.53
CA ALA C 35 -33.40 3.47 25.89
C ALA C 35 -32.27 2.47 26.17
N ASP C 36 -32.40 1.25 25.66
CA ASP C 36 -31.36 0.24 25.88
C ASP C 36 -30.04 0.66 25.23
N LEU C 37 -30.09 1.20 24.01
CA LEU C 37 -28.87 1.67 23.37
C LEU C 37 -28.26 2.84 24.15
N MET C 38 -29.10 3.77 24.61
CA MET C 38 -28.59 4.88 25.40
C MET C 38 -28.03 4.41 26.74
N ALA C 39 -28.68 3.42 27.36
CA ALA C 39 -28.19 2.90 28.62
C ALA C 39 -26.85 2.19 28.45
N TYR C 40 -26.69 1.41 27.38
CA TYR C 40 -25.45 0.68 27.16
C TYR C 40 -24.28 1.64 26.95
N CYS C 41 -24.50 2.71 26.18
CA CYS C 41 -23.43 3.70 25.96
C CYS C 41 -23.02 4.36 27.27
N GLU C 42 -23.98 4.69 28.13
CA GLU C 42 -23.66 5.33 29.40
C GLU C 42 -22.85 4.40 30.30
N ALA C 43 -23.22 3.12 30.36
CA ALA C 43 -22.57 2.21 31.29
C ALA C 43 -21.11 1.96 30.92
N HIS C 44 -20.79 1.95 29.63
CA HIS C 44 -19.43 1.64 29.17
C HIS C 44 -18.68 2.88 28.71
N ALA C 45 -19.17 4.08 29.04
CA ALA C 45 -18.53 5.30 28.56
C ALA C 45 -17.12 5.45 29.10
N LYS C 46 -16.91 5.11 30.38
CA LYS C 46 -15.61 5.34 31.00
C LYS C 46 -14.53 4.42 30.44
N GLU C 47 -14.90 3.19 30.06
CA GLU C 47 -13.96 2.24 29.51
C GLU C 47 -13.85 2.32 27.99
N ASP C 48 -14.16 3.46 27.39
CA ASP C 48 -14.02 3.67 25.95
C ASP C 48 -12.86 4.63 25.71
N PRO C 49 -11.69 4.14 25.32
CA PRO C 49 -10.55 5.05 25.10
C PRO C 49 -10.76 6.07 24.00
N LEU C 50 -11.50 5.72 22.94
CA LEU C 50 -11.71 6.67 21.86
C LEU C 50 -12.61 7.82 22.30
N LEU C 51 -13.64 7.53 23.10
CA LEU C 51 -14.51 8.58 23.60
C LEU C 51 -13.78 9.45 24.62
N THR C 52 -13.11 8.84 25.58
CA THR C 52 -12.35 9.54 26.61
C THR C 52 -10.90 9.11 26.52
N PRO C 53 -10.04 9.89 25.86
CA PRO C 53 -8.64 9.47 25.69
C PRO C 53 -7.94 9.23 27.02
N VAL C 54 -7.15 8.17 27.07
CA VAL C 54 -6.46 7.73 28.27
C VAL C 54 -5.19 8.58 28.46
N PRO C 55 -4.63 8.64 29.67
CA PRO C 55 -3.35 9.33 29.83
C PRO C 55 -2.24 8.69 29.00
N ALA C 56 -1.27 9.52 28.61
CA ALA C 56 -0.22 9.06 27.71
C ALA C 56 0.55 7.88 28.29
N SER C 57 0.62 7.76 29.62
CA SER C 57 1.31 6.62 30.22
C SER C 57 0.59 5.32 29.93
N GLU C 58 -0.73 5.35 29.77
CA GLU C 58 -1.53 4.16 29.53
C GLU C 58 -1.84 3.95 28.06
N ASN C 59 -1.27 4.76 27.17
CA ASN C 59 -1.55 4.68 25.75
C ASN C 59 -0.46 3.84 25.08
N PRO C 60 -0.78 2.67 24.54
CA PRO C 60 0.25 1.87 23.86
C PRO C 60 0.80 2.52 22.60
N PHE C 61 0.12 3.52 22.05
CA PHE C 61 0.49 4.14 20.78
C PHE C 61 1.09 5.52 20.96
N ARG C 62 1.87 5.70 22.03
CA ARG C 62 2.55 6.97 22.30
C ARG C 62 3.28 7.52 21.08
N ASP D 1 9.19 -34.06 9.05
CA ASP D 1 9.26 -33.51 10.40
C ASP D 1 10.48 -32.60 10.53
N VAL D 2 10.48 -31.75 11.54
CA VAL D 2 11.59 -30.83 11.75
C VAL D 2 12.81 -31.61 12.21
N GLN D 3 13.93 -31.43 11.52
CA GLN D 3 15.15 -32.18 11.82
C GLN D 3 16.35 -31.24 11.78
N LEU D 4 17.31 -31.49 12.66
CA LEU D 4 18.58 -30.76 12.68
C LEU D 4 19.69 -31.75 12.99
N VAL D 5 20.49 -32.09 11.99
CA VAL D 5 21.53 -33.10 12.11
C VAL D 5 22.89 -32.41 12.03
N GLU D 6 23.71 -32.60 13.05
CA GLU D 6 25.06 -32.06 13.10
C GLU D 6 26.07 -33.12 12.70
N SER D 7 27.17 -32.67 12.08
CA SER D 7 28.23 -33.56 11.66
C SER D 7 29.54 -32.79 11.63
N GLY D 8 30.64 -33.53 11.56
CA GLY D 8 31.97 -32.96 11.51
C GLY D 8 32.74 -33.02 12.81
N GLY D 9 32.10 -33.43 13.91
CA GLY D 9 32.80 -33.53 15.17
C GLY D 9 33.70 -34.74 15.24
N GLY D 10 34.64 -34.69 16.18
CA GLY D 10 35.57 -35.78 16.38
C GLY D 10 36.80 -35.32 17.12
N LEU D 11 37.69 -36.28 17.35
CA LEU D 11 38.91 -36.00 18.10
C LEU D 11 39.90 -35.20 17.26
N VAL D 12 40.34 -34.06 17.79
CA VAL D 12 41.28 -33.19 17.09
C VAL D 12 42.42 -32.85 18.04
N GLN D 13 43.56 -32.50 17.44
CA GLN D 13 44.72 -32.11 18.22
C GLN D 13 44.58 -30.67 18.69
N PRO D 14 45.18 -30.33 19.84
CA PRO D 14 45.15 -28.94 20.30
C PRO D 14 45.80 -28.00 19.30
N GLY D 15 45.21 -26.83 19.15
CA GLY D 15 45.68 -25.86 18.18
C GLY D 15 45.25 -26.12 16.76
N GLY D 16 44.45 -27.16 16.53
CA GLY D 16 44.01 -27.52 15.19
C GLY D 16 42.76 -26.77 14.77
N SER D 17 42.21 -27.19 13.63
CA SER D 17 41.03 -26.58 13.07
C SER D 17 40.03 -27.66 12.70
N ARG D 18 38.74 -27.36 12.87
CA ARG D 18 37.68 -28.31 12.56
C ARG D 18 36.46 -27.54 12.07
N LYS D 19 35.72 -28.16 11.17
CA LYS D 19 34.55 -27.54 10.54
C LYS D 19 33.31 -28.34 10.92
N LEU D 20 32.38 -27.70 11.64
CA LEU D 20 31.13 -28.33 12.04
C LEU D 20 30.02 -27.90 11.09
N SER D 21 29.17 -28.87 10.72
CA SER D 21 28.06 -28.63 9.81
C SER D 21 26.74 -28.97 10.50
N CYS D 22 25.71 -28.21 10.18
CA CYS D 22 24.36 -28.46 10.68
C CYS D 22 23.40 -28.43 9.50
N SER D 23 22.91 -29.60 9.08
CA SER D 23 21.98 -29.70 7.98
C SER D 23 20.55 -29.63 8.50
N ALA D 24 19.75 -28.76 7.91
CA ALA D 24 18.37 -28.53 8.33
C ALA D 24 17.40 -29.07 7.29
N SER D 25 16.37 -29.76 7.77
CA SER D 25 15.30 -30.26 6.92
C SER D 25 13.98 -30.13 7.64
N GLY D 26 12.91 -29.95 6.86
CA GLY D 26 11.57 -29.90 7.41
C GLY D 26 11.08 -28.55 7.89
N PHE D 27 11.86 -27.48 7.67
CA PHE D 27 11.40 -26.14 8.01
C PHE D 27 12.12 -25.12 7.15
N ALA D 28 11.56 -23.91 7.12
CA ALA D 28 12.12 -22.83 6.32
C ALA D 28 13.40 -22.31 6.96
N PHE D 29 14.55 -22.85 6.55
CA PHE D 29 15.80 -22.54 7.22
C PHE D 29 16.17 -21.07 7.09
N SER D 30 15.94 -20.48 5.91
CA SER D 30 16.33 -19.10 5.69
C SER D 30 15.54 -18.11 6.55
N SER D 31 14.40 -18.53 7.10
CA SER D 31 13.59 -17.67 7.93
C SER D 31 13.99 -17.70 9.40
N PHE D 32 14.84 -18.65 9.79
CA PHE D 32 15.19 -18.86 11.20
C PHE D 32 16.60 -18.35 11.48
N GLY D 33 16.76 -17.62 12.58
CA GLY D 33 18.07 -17.42 13.15
C GLY D 33 18.60 -18.70 13.77
N MET D 34 19.92 -18.83 13.82
CA MET D 34 20.55 -20.05 14.28
C MET D 34 21.57 -19.74 15.37
N HIS D 35 21.60 -20.58 16.40
CA HIS D 35 22.57 -20.50 17.47
C HIS D 35 23.38 -21.78 17.54
N TRP D 36 24.63 -21.66 17.98
CA TRP D 36 25.42 -22.79 18.43
C TRP D 36 25.54 -22.74 19.94
N VAL D 37 25.16 -23.82 20.61
CA VAL D 37 25.29 -23.95 22.06
C VAL D 37 26.08 -25.22 22.34
N ARG D 38 27.08 -25.12 23.21
CA ARG D 38 27.89 -26.27 23.58
C ARG D 38 27.66 -26.62 25.04
N GLN D 39 28.00 -27.86 25.38
CA GLN D 39 27.84 -28.37 26.73
C GLN D 39 29.06 -29.22 27.06
N ALA D 40 29.90 -28.74 27.96
CA ALA D 40 31.06 -29.53 28.38
C ALA D 40 30.61 -30.77 29.12
N PRO D 41 31.37 -31.87 29.03
CA PRO D 41 30.96 -33.10 29.70
C PRO D 41 30.79 -32.88 31.20
N GLU D 42 29.65 -33.35 31.72
CA GLU D 42 29.29 -33.17 33.13
C GLU D 42 29.29 -31.70 33.52
N LYS D 43 28.85 -30.85 32.61
CA LYS D 43 28.74 -29.41 32.85
C LYS D 43 27.44 -28.91 32.21
N GLY D 44 27.18 -27.61 32.39
CA GLY D 44 25.98 -27.00 31.87
C GLY D 44 26.15 -26.50 30.45
N LEU D 45 25.10 -25.84 29.95
CA LEU D 45 25.08 -25.32 28.59
C LEU D 45 25.80 -23.98 28.52
N GLU D 46 26.45 -23.74 27.38
CA GLU D 46 27.17 -22.49 27.15
C GLU D 46 26.94 -22.05 25.71
N TRP D 47 26.42 -20.84 25.54
CA TRP D 47 26.16 -20.32 24.20
C TRP D 47 27.46 -19.95 23.50
N VAL D 48 27.55 -20.28 22.22
CA VAL D 48 28.78 -20.11 21.44
C VAL D 48 28.66 -18.94 20.46
N ALA D 49 27.66 -18.98 19.58
CA ALA D 49 27.57 -18.00 18.51
C ALA D 49 26.12 -17.89 18.06
N TYR D 50 25.84 -16.83 17.30
CA TYR D 50 24.51 -16.59 16.75
C TYR D 50 24.66 -15.95 15.38
N ILE D 51 23.87 -16.43 14.42
CA ILE D 51 23.72 -15.78 13.13
C ILE D 51 22.23 -15.56 12.87
N SER D 52 21.88 -14.34 12.47
CA SER D 52 20.49 -13.98 12.29
C SER D 52 19.97 -14.48 10.95
N SER D 53 18.64 -14.44 10.78
CA SER D 53 18.05 -14.66 9.48
C SER D 53 18.50 -13.58 8.51
N GLY D 54 18.96 -13.99 7.34
CA GLY D 54 19.53 -13.07 6.38
C GLY D 54 20.99 -12.76 6.61
N SER D 55 21.62 -13.35 7.62
CA SER D 55 23.06 -13.27 7.86
C SER D 55 23.52 -11.85 8.16
N GLY D 56 22.58 -10.96 8.52
CA GLY D 56 22.96 -9.57 8.73
C GLY D 56 23.59 -9.30 10.09
N THR D 57 23.23 -10.08 11.10
CA THR D 57 23.72 -9.88 12.46
C THR D 57 24.40 -11.16 12.93
N ILE D 58 25.61 -11.03 13.48
CA ILE D 58 26.37 -12.16 13.99
C ILE D 58 26.95 -11.79 15.35
N TYR D 59 26.77 -12.65 16.34
CA TYR D 59 27.30 -12.45 17.68
C TYR D 59 28.11 -13.66 18.10
N TYR D 60 29.11 -13.43 18.93
CA TYR D 60 29.96 -14.49 19.46
C TYR D 60 30.10 -14.34 20.96
N ALA D 61 30.34 -15.46 21.63
CA ALA D 61 30.73 -15.44 23.03
C ALA D 61 32.17 -14.96 23.17
N ASP D 62 32.45 -14.33 24.32
CA ASP D 62 33.78 -13.75 24.53
C ASP D 62 34.86 -14.82 24.54
N THR D 63 34.54 -16.01 25.07
CA THR D 63 35.53 -17.07 25.14
C THR D 63 35.88 -17.65 23.78
N VAL D 64 35.08 -17.39 22.76
CA VAL D 64 35.33 -17.91 21.42
C VAL D 64 35.46 -16.83 20.37
N LYS D 65 35.20 -15.56 20.71
CA LYS D 65 35.24 -14.50 19.71
C LYS D 65 36.65 -14.34 19.16
N GLY D 66 36.74 -14.24 17.84
CA GLY D 66 38.01 -14.17 17.15
C GLY D 66 38.56 -15.50 16.68
N ARG D 67 38.13 -16.61 17.30
CA ARG D 67 38.58 -17.93 16.91
C ARG D 67 37.54 -18.73 16.15
N PHE D 68 36.26 -18.52 16.43
CA PHE D 68 35.17 -19.25 15.78
C PHE D 68 34.52 -18.36 14.73
N THR D 69 34.12 -18.97 13.61
CA THR D 69 33.37 -18.27 12.57
C THR D 69 32.13 -19.07 12.25
N ILE D 70 30.97 -18.42 12.33
CA ILE D 70 29.68 -19.05 12.07
C ILE D 70 29.14 -18.51 10.74
N SER D 71 28.63 -19.41 9.90
CA SER D 71 28.11 -19.03 8.61
C SER D 71 26.99 -19.99 8.24
N ARG D 72 26.17 -19.58 7.26
CA ARG D 72 25.04 -20.37 6.82
C ARG D 72 24.96 -20.36 5.31
N ASP D 73 24.36 -21.41 4.76
CA ASP D 73 24.09 -21.53 3.33
C ASP D 73 22.59 -21.74 3.16
N ASP D 74 21.86 -20.65 2.94
CA ASP D 74 20.40 -20.73 2.86
C ASP D 74 19.90 -21.64 1.74
N PRO D 75 20.43 -21.56 0.49
CA PRO D 75 19.95 -22.51 -0.53
C PRO D 75 20.18 -23.96 -0.17
N LYS D 76 21.26 -24.30 0.52
CA LYS D 76 21.53 -25.66 0.92
C LYS D 76 20.97 -26.01 2.29
N ASN D 77 20.40 -25.04 3.00
CA ASN D 77 19.86 -25.25 4.34
C ASN D 77 20.90 -25.87 5.27
N THR D 78 22.12 -25.34 5.21
CA THR D 78 23.22 -25.84 6.02
C THR D 78 23.77 -24.70 6.88
N LEU D 79 24.00 -25.01 8.15
CA LEU D 79 24.65 -24.08 9.08
C LEU D 79 26.07 -24.56 9.37
N PHE D 80 27.01 -23.62 9.37
CA PHE D 80 28.43 -23.94 9.51
C PHE D 80 28.99 -23.27 10.76
N LEU D 81 30.04 -23.89 11.31
CA LEU D 81 30.81 -23.31 12.41
C LEU D 81 32.28 -23.64 12.14
N GLN D 82 33.03 -22.65 11.68
CA GLN D 82 34.46 -22.83 11.44
C GLN D 82 35.22 -22.50 12.71
N MET D 83 35.97 -23.46 13.22
CA MET D 83 36.71 -23.32 14.47
C MET D 83 38.21 -23.39 14.20
N THR D 84 38.96 -22.53 14.89
CA THR D 84 40.41 -22.49 14.76
C THR D 84 41.04 -22.35 16.14
N SER D 85 42.29 -22.79 16.25
CA SER D 85 43.06 -22.71 17.49
C SER D 85 42.33 -23.38 18.65
N LEU D 86 41.84 -24.58 18.40
CA LEU D 86 41.02 -25.29 19.37
C LEU D 86 41.83 -25.62 20.62
N ARG D 87 41.24 -25.36 21.78
CA ARG D 87 41.86 -25.59 23.07
C ARG D 87 41.17 -26.74 23.78
N SER D 88 41.79 -27.22 24.86
CA SER D 88 41.18 -28.26 25.67
C SER D 88 39.89 -27.79 26.34
N GLU D 89 39.71 -26.47 26.48
CA GLU D 89 38.49 -25.92 27.04
C GLU D 89 37.31 -26.02 26.08
N ASP D 90 37.55 -26.34 24.81
CA ASP D 90 36.50 -26.42 23.80
C ASP D 90 35.91 -27.81 23.67
N THR D 91 36.36 -28.78 24.47
CA THR D 91 35.83 -30.14 24.41
C THR D 91 34.40 -30.13 24.93
N ALA D 92 33.43 -30.30 24.04
CA ALA D 92 32.03 -30.26 24.43
C ALA D 92 31.17 -30.85 23.31
N MET D 93 29.90 -31.07 23.64
CA MET D 93 28.90 -31.42 22.65
C MET D 93 28.25 -30.15 22.12
N TYR D 94 28.31 -29.94 20.81
CA TYR D 94 27.85 -28.72 20.18
C TYR D 94 26.47 -28.95 19.59
N TYR D 95 25.50 -28.14 20.01
CA TYR D 95 24.12 -28.27 19.59
C TYR D 95 23.77 -27.19 18.58
N CYS D 96 23.00 -27.57 17.57
CA CYS D 96 22.46 -26.65 16.58
C CYS D 96 21.04 -26.27 16.98
N VAL D 97 20.79 -24.98 17.18
CA VAL D 97 19.52 -24.51 17.72
C VAL D 97 18.92 -23.49 16.75
N ARG D 98 17.67 -23.69 16.39
CA ARG D 98 16.93 -22.72 15.59
C ARG D 98 16.15 -21.78 16.49
N SER D 99 16.02 -20.53 16.06
CA SER D 99 15.26 -19.54 16.83
C SER D 99 14.78 -18.47 15.87
N ILE D 100 13.46 -18.25 15.84
CA ILE D 100 12.84 -17.23 15.00
C ILE D 100 12.31 -16.13 15.90
N TYR D 101 12.40 -14.88 15.44
CA TYR D 101 12.08 -13.73 16.27
C TYR D 101 11.03 -12.87 15.58
N TYR D 102 9.80 -12.91 16.10
CA TYR D 102 8.76 -11.96 15.79
C TYR D 102 7.84 -11.89 17.00
N TYR D 103 6.88 -10.98 16.94
CA TYR D 103 5.96 -10.82 18.07
C TYR D 103 5.22 -12.12 18.34
N GLY D 104 5.40 -12.66 19.54
CA GLY D 104 4.76 -13.90 19.93
C GLY D 104 5.47 -15.17 19.51
N SER D 105 6.65 -15.07 18.90
CA SER D 105 7.38 -16.27 18.51
C SER D 105 7.98 -16.95 19.73
N SER D 106 8.46 -18.18 19.52
CA SER D 106 9.08 -18.99 20.56
C SER D 106 10.50 -19.33 20.13
N PRO D 107 11.48 -18.49 20.44
CA PRO D 107 12.88 -18.81 20.09
C PRO D 107 13.37 -20.02 20.85
N PHE D 108 14.39 -20.66 20.29
CA PHE D 108 15.04 -21.84 20.88
C PHE D 108 14.08 -23.01 21.00
N ASP D 109 13.10 -23.09 20.10
CA ASP D 109 12.07 -24.12 20.22
C ASP D 109 12.57 -25.50 19.82
N PHE D 110 13.49 -25.59 18.88
CA PHE D 110 13.99 -26.88 18.41
C PHE D 110 15.50 -26.92 18.52
N TRP D 111 16.02 -28.02 19.07
CA TRP D 111 17.44 -28.25 19.22
C TRP D 111 17.86 -29.45 18.39
N GLY D 112 19.10 -29.44 17.93
CA GLY D 112 19.64 -30.60 17.24
C GLY D 112 20.14 -31.66 18.19
N GLN D 113 20.49 -32.81 17.62
CA GLN D 113 20.99 -33.92 18.43
C GLN D 113 22.40 -33.65 18.93
N GLY D 114 23.16 -32.83 18.23
CA GLY D 114 24.47 -32.43 18.70
C GLY D 114 25.58 -33.27 18.08
N THR D 115 26.77 -32.69 18.02
CA THR D 115 27.98 -33.37 17.57
C THR D 115 29.07 -33.18 18.61
N THR D 116 29.85 -34.24 18.83
CA THR D 116 30.85 -34.25 19.89
C THR D 116 32.21 -33.86 19.36
N LEU D 117 32.84 -32.87 19.99
CA LEU D 117 34.19 -32.45 19.67
C LEU D 117 35.07 -32.71 20.87
N THR D 118 36.18 -33.43 20.66
CA THR D 118 37.13 -33.74 21.71
C THR D 118 38.51 -33.20 21.33
N VAL D 119 39.12 -32.46 22.24
CA VAL D 119 40.45 -31.88 22.05
C VAL D 119 41.41 -32.58 22.99
N SER D 120 42.54 -33.04 22.45
CA SER D 120 43.51 -33.78 23.23
C SER D 120 44.23 -32.89 24.26
N ASP D 137 28.00 -9.40 31.46
CA ASP D 137 27.34 -10.70 31.33
C ASP D 137 26.46 -10.98 32.55
N ILE D 138 25.16 -11.19 32.30
CA ILE D 138 24.25 -11.52 33.38
C ILE D 138 24.54 -12.94 33.86
N VAL D 139 24.65 -13.09 35.19
CA VAL D 139 24.94 -14.38 35.81
C VAL D 139 23.63 -15.02 36.24
N MET D 140 23.36 -16.21 35.73
CA MET D 140 22.17 -16.96 36.08
C MET D 140 22.56 -18.05 37.09
N THR D 141 21.89 -18.05 38.24
CA THR D 141 22.26 -18.89 39.37
C THR D 141 21.14 -19.89 39.66
N GLN D 142 21.50 -21.17 39.73
CA GLN D 142 20.61 -22.23 40.20
C GLN D 142 21.33 -22.92 41.35
N ALA D 143 21.15 -22.39 42.56
CA ALA D 143 21.90 -22.87 43.71
C ALA D 143 21.60 -24.34 44.01
N THR D 144 20.33 -24.72 43.92
CA THR D 144 19.94 -26.11 44.19
C THR D 144 20.40 -26.99 43.03
N SER D 145 21.47 -27.76 43.26
CA SER D 145 22.00 -28.61 42.20
C SER D 145 21.11 -29.82 41.94
N SER D 146 20.59 -30.44 43.00
CA SER D 146 19.78 -31.64 42.86
C SER D 146 18.58 -31.57 43.79
N VAL D 147 17.49 -32.21 43.38
CA VAL D 147 16.25 -32.27 44.15
C VAL D 147 15.71 -33.69 44.10
N PRO D 148 15.60 -34.38 45.24
CA PRO D 148 14.97 -35.71 45.23
C PRO D 148 13.46 -35.58 45.10
N VAL D 149 12.88 -36.29 44.13
CA VAL D 149 11.48 -36.17 43.81
C VAL D 149 10.86 -37.57 43.73
N THR D 150 9.53 -37.60 43.84
CA THR D 150 8.74 -38.81 43.68
C THR D 150 7.61 -38.55 42.70
N PRO D 151 7.21 -39.55 41.92
CA PRO D 151 6.16 -39.32 40.91
C PRO D 151 4.86 -38.89 41.55
N GLY D 152 4.14 -38.00 40.85
CA GLY D 152 2.87 -37.50 41.31
C GLY D 152 2.94 -36.36 42.30
N GLU D 153 4.12 -35.88 42.64
CA GLU D 153 4.29 -34.81 43.61
C GLU D 153 4.74 -33.53 42.91
N SER D 154 4.32 -32.40 43.45
CA SER D 154 4.62 -31.10 42.84
C SER D 154 6.03 -30.66 43.20
N VAL D 155 6.76 -30.17 42.20
CA VAL D 155 8.14 -29.75 42.36
C VAL D 155 8.28 -28.32 41.85
N SER D 156 9.06 -27.51 42.56
CA SER D 156 9.37 -26.15 42.16
C SER D 156 10.87 -25.98 42.03
N ILE D 157 11.30 -25.33 40.94
CA ILE D 157 12.70 -25.07 40.67
C ILE D 157 12.91 -23.56 40.60
N SER D 158 13.95 -23.08 41.26
CA SER D 158 14.20 -21.65 41.39
C SER D 158 15.41 -21.25 40.55
N CYS D 159 15.34 -20.05 39.98
CA CYS D 159 16.43 -19.47 39.21
C CYS D 159 16.59 -18.01 39.61
N ARG D 160 17.83 -17.53 39.59
CA ARG D 160 18.14 -16.16 39.94
C ARG D 160 19.04 -15.53 38.89
N SER D 161 18.92 -14.21 38.75
CA SER D 161 19.72 -13.44 37.81
C SER D 161 20.32 -12.23 38.51
N SER D 162 21.54 -11.88 38.13
CA SER D 162 22.18 -10.71 38.70
C SER D 162 21.48 -9.42 38.31
N LYS D 163 20.92 -9.37 37.10
CA LYS D 163 20.18 -8.21 36.62
C LYS D 163 18.71 -8.57 36.42
N SER D 164 17.86 -7.55 36.47
CA SER D 164 16.45 -7.75 36.20
C SER D 164 16.23 -8.08 34.73
N LEU D 165 15.57 -9.20 34.46
CA LEU D 165 15.27 -9.63 33.10
C LEU D 165 13.99 -9.02 32.55
N LEU D 166 13.28 -8.22 33.36
CA LEU D 166 12.08 -7.55 32.88
C LEU D 166 12.47 -6.31 32.08
N HIS D 167 12.09 -6.29 30.81
CA HIS D 167 12.36 -5.16 29.94
C HIS D 167 11.23 -4.14 30.03
N SER D 168 11.50 -2.94 29.52
CA SER D 168 10.50 -1.87 29.55
C SER D 168 9.32 -2.14 28.64
N ASN D 169 9.40 -3.13 27.75
CA ASN D 169 8.28 -3.47 26.88
C ASN D 169 7.32 -4.48 27.51
N GLY D 170 7.59 -4.92 28.75
CA GLY D 170 6.73 -5.85 29.45
C GLY D 170 7.17 -7.29 29.39
N ASN D 171 8.08 -7.64 28.48
CA ASN D 171 8.58 -8.99 28.39
C ASN D 171 9.63 -9.25 29.48
N THR D 172 9.64 -10.48 29.99
CA THR D 172 10.70 -10.97 30.87
C THR D 172 11.41 -12.11 30.14
N TYR D 173 12.61 -11.83 29.64
CA TYR D 173 13.29 -12.73 28.71
C TYR D 173 14.01 -13.84 29.48
N LEU D 174 13.21 -14.75 30.02
CA LEU D 174 13.70 -15.95 30.69
C LEU D 174 13.13 -17.18 30.01
N TYR D 175 13.98 -18.17 29.77
CA TYR D 175 13.60 -19.39 29.09
C TYR D 175 13.91 -20.58 29.98
N TRP D 176 13.10 -21.63 29.86
CA TRP D 176 13.33 -22.87 30.60
C TRP D 176 13.51 -24.02 29.63
N PHE D 177 14.53 -24.84 29.86
CA PHE D 177 14.84 -25.99 29.04
C PHE D 177 14.90 -27.24 29.91
N LEU D 178 14.60 -28.38 29.30
CA LEU D 178 14.70 -29.67 29.95
C LEU D 178 15.59 -30.56 29.09
N GLN D 179 16.64 -31.11 29.69
CA GLN D 179 17.53 -32.04 29.01
C GLN D 179 17.40 -33.39 29.69
N ARG D 180 16.59 -34.26 29.11
CA ARG D 180 16.46 -35.61 29.61
C ARG D 180 17.75 -36.39 29.36
N PRO D 181 18.06 -37.40 30.17
CA PRO D 181 19.33 -38.13 30.00
C PRO D 181 19.41 -38.77 28.62
N GLY D 182 20.47 -38.41 27.88
CA GLY D 182 20.68 -38.92 26.55
C GLY D 182 20.00 -38.14 25.45
N GLN D 183 19.23 -37.11 25.78
CA GLN D 183 18.47 -36.34 24.80
C GLN D 183 18.95 -34.90 24.75
N SER D 184 18.61 -34.24 23.66
CA SER D 184 18.89 -32.82 23.51
C SER D 184 17.93 -31.99 24.37
N PRO D 185 18.32 -30.77 24.73
CA PRO D 185 17.42 -29.91 25.50
C PRO D 185 16.14 -29.63 24.73
N GLN D 186 15.06 -29.44 25.47
CA GLN D 186 13.77 -29.09 24.89
C GLN D 186 13.22 -27.86 25.58
N LEU D 187 12.59 -26.98 24.80
CA LEU D 187 12.02 -25.76 25.35
C LEU D 187 10.74 -26.09 26.11
N LEU D 188 10.64 -25.58 27.34
CA LEU D 188 9.42 -25.70 28.13
C LEU D 188 8.69 -24.38 28.24
N ILE D 189 9.34 -23.33 28.72
CA ILE D 189 8.74 -22.04 28.98
C ILE D 189 9.57 -20.97 28.30
N TYR D 190 8.94 -20.11 27.52
CA TYR D 190 9.62 -19.00 26.87
C TYR D 190 9.02 -17.68 27.35
N ARG D 191 9.90 -16.72 27.61
CA ARG D 191 9.53 -15.43 28.21
C ARG D 191 8.79 -15.62 29.53
N MET D 192 9.26 -16.59 30.33
CA MET D 192 9.01 -16.72 31.76
C MET D 192 7.61 -17.19 32.10
N SER D 193 6.68 -17.13 31.15
CA SER D 193 5.33 -17.60 31.44
C SER D 193 4.70 -18.44 30.33
N ASN D 194 5.06 -18.26 29.07
CA ASN D 194 4.39 -18.94 27.97
C ASN D 194 4.87 -20.38 27.86
N LEU D 195 3.93 -21.27 27.54
CA LEU D 195 4.22 -22.70 27.43
C LEU D 195 4.48 -23.07 25.98
N ALA D 196 5.59 -23.75 25.74
CA ALA D 196 5.98 -24.10 24.39
C ALA D 196 5.05 -25.15 23.79
N SER D 197 4.95 -25.15 22.47
CA SER D 197 4.09 -26.09 21.77
C SER D 197 4.55 -27.52 22.00
N GLY D 198 3.59 -28.40 22.29
CA GLY D 198 3.89 -29.80 22.55
C GLY D 198 4.28 -30.12 23.97
N VAL D 199 4.20 -29.17 24.89
CA VAL D 199 4.58 -29.36 26.29
C VAL D 199 3.30 -29.48 27.11
N PRO D 200 3.20 -30.47 28.00
CA PRO D 200 1.97 -30.61 28.80
C PRO D 200 1.73 -29.38 29.67
N ASP D 201 0.44 -29.12 29.91
CA ASP D 201 0.02 -27.93 30.65
C ASP D 201 0.41 -27.97 32.12
N ARG D 202 0.88 -29.11 32.63
CA ARG D 202 1.27 -29.17 34.04
C ARG D 202 2.47 -28.27 34.34
N PHE D 203 3.34 -28.03 33.37
CA PHE D 203 4.42 -27.08 33.53
C PHE D 203 3.88 -25.65 33.56
N SER D 204 4.35 -24.86 34.52
CA SER D 204 3.96 -23.46 34.63
C SER D 204 5.16 -22.65 35.08
N GLY D 205 5.37 -21.50 34.44
CA GLY D 205 6.47 -20.62 34.77
C GLY D 205 5.96 -19.35 35.44
N SER D 206 6.52 -19.06 36.61
CA SER D 206 6.17 -17.87 37.38
C SER D 206 7.45 -17.18 37.82
N GLY D 207 7.44 -15.85 37.78
CA GLY D 207 8.62 -15.11 38.19
C GLY D 207 8.30 -13.64 38.38
N SER D 208 9.29 -12.93 38.93
CA SER D 208 9.22 -11.48 39.06
C SER D 208 10.63 -10.94 39.23
N GLY D 209 10.96 -9.92 38.45
CA GLY D 209 12.25 -9.26 38.59
C GLY D 209 13.43 -10.17 38.36
N THR D 210 14.11 -10.56 39.44
CA THR D 210 15.29 -11.40 39.35
C THR D 210 15.07 -12.83 39.85
N ALA D 211 13.91 -13.13 40.43
CA ALA D 211 13.63 -14.44 40.99
C ALA D 211 12.52 -15.12 40.19
N PHE D 212 12.77 -16.35 39.77
CA PHE D 212 11.85 -17.09 38.93
C PHE D 212 11.67 -18.51 39.46
N THR D 213 10.47 -19.06 39.26
CA THR D 213 10.13 -20.38 39.74
C THR D 213 9.45 -21.16 38.62
N LEU D 214 9.87 -22.41 38.43
CA LEU D 214 9.21 -23.34 37.52
C LEU D 214 8.49 -24.40 38.34
N THR D 215 7.17 -24.43 38.24
CA THR D 215 6.35 -25.35 39.00
C THR D 215 5.90 -26.51 38.11
N ILE D 216 6.12 -27.73 38.58
CA ILE D 216 5.79 -28.94 37.84
C ILE D 216 4.77 -29.71 38.68
N SER D 217 3.49 -29.58 38.32
CA SER D 217 2.44 -30.30 39.02
C SER D 217 2.33 -31.72 38.49
N ARG D 218 2.14 -32.67 39.40
CA ARG D 218 1.97 -34.09 39.06
C ARG D 218 3.15 -34.61 38.24
N LEU D 219 4.32 -34.60 38.87
CA LEU D 219 5.55 -35.03 38.21
C LEU D 219 5.41 -36.46 37.71
N GLU D 220 6.01 -36.73 36.54
CA GLU D 220 5.98 -38.03 35.91
C GLU D 220 7.41 -38.51 35.63
N ALA D 221 7.52 -39.74 35.14
CA ALA D 221 8.83 -40.32 34.88
C ALA D 221 9.59 -39.55 33.81
N GLU D 222 8.88 -39.09 32.77
CA GLU D 222 9.53 -38.39 31.68
C GLU D 222 10.14 -37.07 32.13
N ASP D 223 9.55 -36.43 33.13
CA ASP D 223 10.03 -35.12 33.59
C ASP D 223 11.40 -35.20 34.26
N VAL D 224 11.87 -36.39 34.62
CA VAL D 224 13.18 -36.53 35.22
C VAL D 224 14.26 -36.03 34.27
N GLY D 225 15.12 -35.15 34.76
CA GLY D 225 16.18 -34.60 33.95
C GLY D 225 16.75 -33.35 34.59
N VAL D 226 17.59 -32.66 33.83
CA VAL D 226 18.21 -31.42 34.25
C VAL D 226 17.44 -30.25 33.65
N TYR D 227 17.19 -29.23 34.46
CA TYR D 227 16.47 -28.04 34.04
C TYR D 227 17.40 -26.84 34.02
N TYR D 228 17.43 -26.13 32.90
CA TYR D 228 18.27 -24.95 32.73
C TYR D 228 17.40 -23.72 32.51
N CYS D 229 17.77 -22.62 33.16
CA CYS D 229 17.16 -21.32 32.89
C CYS D 229 18.14 -20.47 32.11
N MET D 230 17.66 -19.89 31.01
CA MET D 230 18.48 -19.08 30.13
C MET D 230 17.88 -17.68 30.04
N GLN D 231 18.75 -16.67 29.96
CA GLN D 231 18.32 -15.30 29.76
C GLN D 231 18.53 -14.90 28.31
N HIS D 232 17.56 -14.16 27.76
CA HIS D 232 17.67 -13.62 26.41
C HIS D 232 17.52 -12.11 26.40
N LEU D 233 17.81 -11.46 27.54
CA LEU D 233 17.72 -10.00 27.61
C LEU D 233 18.77 -9.34 26.73
N GLU D 234 19.97 -9.90 26.72
CA GLU D 234 21.07 -9.32 25.95
C GLU D 234 22.11 -10.41 25.70
N TYR D 235 22.99 -10.15 24.74
CA TYR D 235 24.09 -11.05 24.44
C TYR D 235 25.32 -10.68 25.27
N PRO D 236 26.11 -11.67 25.72
CA PRO D 236 25.99 -13.12 25.43
C PRO D 236 24.91 -13.82 26.24
N LEU D 237 24.21 -14.76 25.61
CA LEU D 237 23.21 -15.54 26.32
C LEU D 237 23.87 -16.47 27.33
N THR D 238 23.40 -16.44 28.57
CA THR D 238 24.00 -17.22 29.64
C THR D 238 22.97 -18.17 30.23
N PHE D 239 23.44 -19.35 30.62
CA PHE D 239 22.61 -20.39 31.20
C PHE D 239 22.87 -20.51 32.69
N GLY D 240 21.87 -21.00 33.42
CA GLY D 240 22.08 -21.36 34.81
C GLY D 240 22.86 -22.66 34.95
N ALA D 241 23.28 -22.92 36.19
CA ALA D 241 24.03 -24.14 36.47
C ALA D 241 23.21 -25.39 36.13
N GLY D 242 21.93 -25.37 36.44
CA GLY D 242 21.05 -26.49 36.16
C GLY D 242 20.64 -27.20 37.43
N THR D 243 19.37 -27.60 37.49
CA THR D 243 18.80 -28.34 38.61
C THR D 243 18.41 -29.73 38.13
N LYS D 244 18.97 -30.76 38.76
CA LYS D 244 18.71 -32.14 38.39
C LYS D 244 17.60 -32.71 39.26
N LEU D 245 16.64 -33.39 38.63
CA LEU D 245 15.59 -34.11 39.34
C LEU D 245 15.88 -35.61 39.28
N GLU D 246 15.88 -36.25 40.44
CA GLU D 246 16.17 -37.68 40.53
C GLU D 246 15.10 -38.36 41.39
N LEU D 247 14.84 -39.62 41.09
CA LEU D 247 13.85 -40.40 41.82
C LEU D 247 14.48 -41.06 43.05
N LYS E 104 23.97 55.26 -17.56
CA LYS E 104 22.85 56.20 -17.68
C LYS E 104 21.67 55.55 -18.38
N LEU E 105 21.80 55.34 -19.69
CA LEU E 105 20.73 54.70 -20.46
C LEU E 105 20.52 53.25 -20.03
N LEU E 106 21.60 52.56 -19.63
CA LEU E 106 21.50 51.16 -19.26
C LEU E 106 20.61 50.97 -18.04
N SER E 107 20.73 51.86 -17.05
CA SER E 107 19.94 51.70 -15.83
C SER E 107 18.45 51.78 -16.10
N THR E 108 18.05 52.64 -17.03
CA THR E 108 16.63 52.74 -17.39
C THR E 108 16.13 51.43 -18.00
N VAL E 109 16.93 50.82 -18.87
CA VAL E 109 16.53 49.56 -19.50
C VAL E 109 16.43 48.44 -18.46
N LEU E 110 17.39 48.41 -17.53
CA LEU E 110 17.40 47.34 -16.52
C LEU E 110 16.17 47.41 -15.64
N THR E 111 15.76 48.62 -15.23
CA THR E 111 14.58 48.77 -14.39
C THR E 111 13.33 48.27 -15.12
N THR E 112 13.19 48.61 -16.40
CA THR E 112 12.06 48.14 -17.18
C THR E 112 12.13 46.64 -17.41
N SER E 113 13.32 46.12 -17.72
CA SER E 113 13.47 44.71 -18.04
C SER E 113 13.18 43.82 -16.83
N TYR E 114 13.76 44.18 -15.67
CA TYR E 114 13.56 43.35 -14.48
C TYR E 114 12.15 43.50 -13.90
N SER E 115 11.48 44.62 -14.17
CA SER E 115 10.10 44.77 -13.70
C SER E 115 9.17 43.75 -14.32
N VAL E 116 9.31 43.52 -15.63
CA VAL E 116 8.48 42.53 -16.31
C VAL E 116 8.79 41.13 -15.80
N ILE E 117 10.08 40.81 -15.64
CA ILE E 117 10.48 39.48 -15.19
C ILE E 117 9.97 39.22 -13.78
N PHE E 118 10.05 40.23 -12.90
CA PHE E 118 9.60 40.05 -11.52
C PHE E 118 8.11 39.76 -11.46
N ILE E 119 7.31 40.50 -12.24
CA ILE E 119 5.87 40.29 -12.21
C ILE E 119 5.50 38.94 -12.82
N VAL E 120 6.08 38.62 -13.98
CA VAL E 120 5.77 37.35 -14.64
C VAL E 120 6.36 36.18 -13.85
N GLY E 121 7.58 36.32 -13.34
CA GLY E 121 8.20 35.23 -12.61
C GLY E 121 7.48 34.90 -11.32
N LEU E 122 7.05 35.92 -10.59
CA LEU E 122 6.35 35.69 -9.33
C LEU E 122 5.02 34.99 -9.57
N VAL E 123 4.22 35.50 -10.51
CA VAL E 123 2.93 34.89 -10.81
C VAL E 123 3.12 33.46 -11.32
N GLY E 124 4.05 33.28 -12.25
CA GLY E 124 4.22 31.97 -12.85
C GLY E 124 4.71 30.91 -11.88
N ASN E 125 5.67 31.27 -11.03
CA ASN E 125 6.24 30.29 -10.11
C ASN E 125 5.30 29.97 -8.96
N ILE E 126 4.57 30.97 -8.46
CA ILE E 126 3.61 30.72 -7.38
C ILE E 126 2.52 29.78 -7.86
N ILE E 127 2.00 30.00 -9.07
CA ILE E 127 1.02 29.08 -9.63
C ILE E 127 1.64 27.71 -9.83
N ALA E 128 2.89 27.65 -10.28
CA ALA E 128 3.56 26.37 -10.48
C ALA E 128 3.85 25.67 -9.16
N LEU E 129 4.02 26.43 -8.07
CA LEU E 129 4.19 25.81 -6.76
C LEU E 129 2.88 25.37 -6.15
N TYR E 130 1.74 25.92 -6.59
CA TYR E 130 0.46 25.43 -6.13
C TYR E 130 0.10 24.11 -6.81
N VAL E 131 0.41 23.98 -8.10
CA VAL E 131 0.12 22.75 -8.81
C VAL E 131 1.00 21.61 -8.30
N PHE E 132 2.30 21.89 -8.11
CA PHE E 132 3.22 20.84 -7.69
C PHE E 132 3.00 20.41 -6.24
N LEU E 133 2.33 21.23 -5.43
CA LEU E 133 2.08 20.91 -4.03
C LEU E 133 0.62 20.62 -3.74
N GLY E 134 -0.28 21.51 -4.13
CA GLY E 134 -1.69 21.35 -3.83
C GLY E 134 -2.41 20.38 -4.74
N ILE E 135 -2.37 20.64 -6.05
CA ILE E 135 -3.07 19.78 -7.01
C ILE E 135 -2.48 18.38 -7.01
N HIS E 136 -1.16 18.28 -7.03
CA HIS E 136 -0.48 16.99 -7.08
C HIS E 136 -0.07 16.58 -5.67
N ARG E 137 -0.50 15.39 -5.24
CA ARG E 137 -0.09 14.84 -3.96
C ARG E 137 1.06 13.86 -4.09
N LYS E 138 1.17 13.17 -5.23
CA LYS E 138 2.30 12.29 -5.52
C LYS E 138 2.97 12.80 -6.78
N ARG E 139 4.30 12.88 -6.76
CA ARG E 139 5.07 13.50 -7.82
C ARG E 139 6.10 12.53 -8.37
N ASN E 140 6.34 12.63 -9.67
CA ASN E 140 7.35 11.82 -10.34
C ASN E 140 8.73 12.40 -10.08
N SER E 141 9.76 11.74 -10.64
CA SER E 141 11.12 12.24 -10.49
C SER E 141 11.29 13.59 -11.16
N ILE E 142 10.68 13.76 -12.36
CA ILE E 142 10.78 15.03 -13.06
C ILE E 142 10.09 16.14 -12.27
N GLN E 143 8.91 15.85 -11.72
CA GLN E 143 8.20 16.86 -10.95
C GLN E 143 8.93 17.24 -9.67
N ILE E 144 9.81 16.37 -9.17
CA ILE E 144 10.64 16.75 -8.03
C ILE E 144 11.65 17.81 -8.43
N TYR E 145 12.32 17.62 -9.56
CA TYR E 145 13.28 18.62 -10.04
C TYR E 145 12.59 19.94 -10.35
N LEU E 146 11.46 19.88 -11.06
CA LEU E 146 10.73 21.10 -11.40
C LEU E 146 10.19 21.78 -10.15
N LEU E 147 9.91 21.02 -9.09
CA LEU E 147 9.54 21.63 -7.83
C LEU E 147 10.68 22.46 -7.26
N ASN E 148 11.90 21.95 -7.32
CA ASN E 148 13.05 22.69 -6.83
C ASN E 148 13.39 23.87 -7.75
N VAL E 149 13.22 23.68 -9.06
CA VAL E 149 13.50 24.78 -10.00
C VAL E 149 12.57 25.95 -9.74
N ALA E 150 11.28 25.68 -9.50
CA ALA E 150 10.35 26.74 -9.18
C ALA E 150 10.73 27.45 -7.88
N ILE E 151 11.15 26.68 -6.88
CA ILE E 151 11.63 27.27 -5.62
C ILE E 151 12.90 28.07 -5.88
N ALA E 152 13.84 27.50 -6.65
CA ALA E 152 15.08 28.20 -6.94
C ALA E 152 14.83 29.49 -7.72
N ASP E 153 13.93 29.42 -8.72
CA ASP E 153 13.61 30.63 -9.48
C ASP E 153 12.90 31.66 -8.62
N LEU E 154 12.07 31.21 -7.68
CA LEU E 154 11.36 32.15 -6.81
C LEU E 154 12.33 32.97 -5.97
N LEU E 155 13.36 32.33 -5.42
CA LEU E 155 14.38 33.05 -4.67
C LEU E 155 15.13 34.01 -5.58
N LEU E 156 15.39 33.60 -6.82
CA LEU E 156 15.99 34.52 -7.79
C LEU E 156 15.05 35.69 -8.07
N ILE E 157 13.74 35.43 -8.11
CA ILE E 157 12.77 36.50 -8.31
C ILE E 157 12.83 37.48 -7.14
N PHE E 158 12.93 36.97 -5.91
CA PHE E 158 13.01 37.84 -4.75
C PHE E 158 14.29 38.68 -4.72
N CYS E 159 15.34 38.25 -5.43
CA CYS E 159 16.55 39.06 -5.52
C CYS E 159 16.40 40.24 -6.45
N LEU E 160 15.44 40.20 -7.37
CA LEU E 160 15.25 41.31 -8.32
C LEU E 160 14.87 42.62 -7.65
N PRO E 161 13.93 42.68 -6.69
CA PRO E 161 13.59 43.98 -6.10
C PRO E 161 14.77 44.70 -5.47
N PHE E 162 15.73 43.96 -4.89
CA PHE E 162 16.93 44.60 -4.38
C PHE E 162 17.73 45.23 -5.52
N ARG E 163 17.82 44.54 -6.65
CA ARG E 163 18.49 45.11 -7.82
C ARG E 163 17.65 46.21 -8.45
N ILE E 164 16.32 46.03 -8.47
CA ILE E 164 15.45 47.04 -9.08
C ILE E 164 15.53 48.35 -8.30
N MET E 165 15.49 48.28 -6.97
CA MET E 165 15.58 49.49 -6.16
C MET E 165 16.93 50.18 -6.34
N TYR E 166 17.99 49.40 -6.62
CA TYR E 166 19.30 49.99 -6.85
C TYR E 166 19.30 50.89 -8.07
N HIS E 167 18.67 50.44 -9.17
CA HIS E 167 18.64 51.23 -10.39
C HIS E 167 17.69 52.42 -10.27
N ILE E 168 16.65 52.31 -9.43
CA ILE E 168 15.71 53.42 -9.26
C ILE E 168 16.41 54.60 -8.58
N ASN E 169 17.30 54.32 -7.63
CA ASN E 169 18.01 55.35 -6.88
C ASN E 169 19.25 55.86 -7.62
N GLN E 170 19.31 55.69 -8.95
CA GLN E 170 20.44 56.16 -9.76
C GLN E 170 21.74 55.50 -9.32
N ASN E 171 21.73 54.17 -9.29
CA ASN E 171 22.90 53.36 -8.95
C ASN E 171 23.46 53.74 -7.58
N LYS E 172 22.57 54.00 -6.63
CA LYS E 172 22.95 54.29 -5.25
C LYS E 172 22.40 53.19 -4.35
N TRP E 173 23.29 52.52 -3.62
CA TRP E 173 22.92 51.44 -2.72
C TRP E 173 23.11 51.93 -1.29
N THR E 174 22.02 52.38 -0.67
CA THR E 174 22.08 52.89 0.69
C THR E 174 22.14 51.80 1.73
N LEU E 175 21.84 50.55 1.36
CA LEU E 175 21.85 49.46 2.32
C LEU E 175 23.28 49.04 2.63
N GLY E 176 23.43 48.07 3.53
CA GLY E 176 24.74 47.66 3.96
C GLY E 176 25.51 46.93 2.89
N VAL E 177 26.85 47.02 2.97
CA VAL E 177 27.71 46.34 2.02
C VAL E 177 27.57 44.82 2.14
N ILE E 178 27.44 44.33 3.38
CA ILE E 178 27.27 42.89 3.60
C ILE E 178 25.98 42.40 2.96
N LEU E 179 24.91 43.20 3.07
CA LEU E 179 23.62 42.77 2.54
C LEU E 179 23.66 42.59 1.03
N CYS E 180 24.28 43.53 0.31
CA CYS E 180 24.30 43.45 -1.15
C CYS E 180 25.14 42.27 -1.62
N LYS E 181 26.26 41.99 -0.93
CA LYS E 181 27.06 40.83 -1.29
C LYS E 181 26.28 39.54 -1.10
N VAL E 182 25.49 39.46 -0.02
CA VAL E 182 24.61 38.32 0.17
C VAL E 182 23.55 38.29 -0.93
N VAL E 183 22.94 39.44 -1.21
CA VAL E 183 21.93 39.51 -2.26
C VAL E 183 22.55 39.25 -3.63
N GLY E 184 23.72 39.84 -3.90
CA GLY E 184 24.35 39.64 -5.19
C GLY E 184 24.71 38.20 -5.46
N THR E 185 25.25 37.51 -4.46
CA THR E 185 25.60 36.11 -4.63
C THR E 185 24.36 35.22 -4.65
N LEU E 186 23.32 35.59 -3.90
CA LEU E 186 22.10 34.80 -3.88
C LEU E 186 21.44 34.77 -5.25
N PHE E 187 21.52 35.87 -5.99
CA PHE E 187 20.98 35.89 -7.35
C PHE E 187 21.71 34.88 -8.24
N TYR E 188 23.04 34.89 -8.19
CA TYR E 188 23.81 33.94 -9.00
C TYR E 188 23.69 32.52 -8.46
N MET E 189 23.50 32.37 -7.14
CA MET E 189 23.33 31.03 -6.58
C MET E 189 22.08 30.37 -7.15
N ASN E 190 20.97 31.10 -7.21
CA ASN E 190 19.74 30.53 -7.73
C ASN E 190 19.81 30.31 -9.23
N MET E 191 20.51 31.17 -9.96
CA MET E 191 20.62 30.99 -11.41
C MET E 191 21.37 29.71 -11.74
N TYR E 192 22.46 29.43 -11.03
CA TYR E 192 23.23 28.22 -11.29
C TYR E 192 22.61 26.98 -10.68
N ILE E 193 21.74 27.12 -9.68
CA ILE E 193 20.95 25.98 -9.24
C ILE E 193 19.98 25.56 -10.33
N SER E 194 19.35 26.53 -11.00
CA SER E 194 18.44 26.23 -12.10
C SER E 194 19.18 25.52 -13.23
N ILE E 195 20.38 26.00 -13.57
CA ILE E 195 21.13 25.39 -14.68
C ILE E 195 21.50 23.96 -14.34
N ILE E 196 21.98 23.72 -13.12
CA ILE E 196 22.35 22.35 -12.72
C ILE E 196 21.13 21.45 -12.73
N LEU E 197 20.00 21.92 -12.17
CA LEU E 197 18.80 21.11 -12.13
C LEU E 197 18.25 20.85 -13.53
N LEU E 198 18.26 21.87 -14.40
CA LEU E 198 17.83 21.66 -15.78
C LEU E 198 18.75 20.69 -16.50
N GLY E 199 20.01 20.61 -16.09
CA GLY E 199 20.88 19.58 -16.61
C GLY E 199 20.45 18.18 -16.18
N PHE E 200 19.96 18.07 -14.95
CA PHE E 200 19.48 16.78 -14.47
C PHE E 200 18.12 16.42 -15.08
N ILE E 201 17.28 17.42 -15.34
CA ILE E 201 15.99 17.16 -15.98
C ILE E 201 16.21 16.57 -17.37
N SER E 202 17.12 17.17 -18.14
CA SER E 202 17.39 16.66 -19.48
C SER E 202 17.97 15.25 -19.43
N LEU E 203 18.87 14.99 -18.48
CA LEU E 203 19.41 13.64 -18.33
C LEU E 203 18.32 12.66 -17.91
N ASP E 204 17.45 13.06 -16.99
CA ASP E 204 16.37 12.17 -16.56
C ASP E 204 15.38 11.92 -17.67
N ARG E 205 15.03 12.96 -18.44
CA ARG E 205 14.12 12.79 -19.56
C ARG E 205 14.71 11.89 -20.63
N TYR E 206 16.04 11.94 -20.81
CA TYR E 206 16.68 11.08 -21.79
C TYR E 206 16.54 9.61 -21.44
N ILE E 207 16.69 9.27 -20.15
CA ILE E 207 16.62 7.88 -19.73
C ILE E 207 15.20 7.36 -19.85
N LYS E 208 14.22 8.14 -19.39
CA LYS E 208 12.83 7.67 -19.36
C LYS E 208 12.21 7.57 -20.74
N ILE E 209 12.78 8.24 -21.74
CA ILE E 209 12.29 8.15 -23.10
C ILE E 209 13.12 7.18 -23.94
N ASN E 210 14.44 7.21 -23.78
CA ASN E 210 15.32 6.30 -24.48
C ASN E 210 15.85 5.20 -23.55
N THR E 220 13.00 5.08 -8.57
CA THR E 220 13.91 6.14 -8.99
C THR E 220 13.54 7.46 -8.33
N THR E 221 12.39 7.49 -7.65
CA THR E 221 11.97 8.70 -6.96
C THR E 221 12.89 9.02 -5.78
N LYS E 222 13.42 8.01 -5.11
CA LYS E 222 14.32 8.24 -3.98
C LYS E 222 15.60 8.93 -4.44
N GLN E 223 16.11 8.55 -5.61
CA GLN E 223 17.34 9.17 -6.12
C GLN E 223 17.14 10.66 -6.36
N SER E 224 15.99 11.04 -6.91
CA SER E 224 15.75 12.44 -7.26
C SER E 224 15.75 13.33 -6.03
N ILE E 225 15.15 12.86 -4.94
CA ILE E 225 15.10 13.66 -3.71
C ILE E 225 16.51 13.90 -3.17
N TYR E 226 17.33 12.86 -3.15
CA TYR E 226 18.70 13.02 -2.65
C TYR E 226 19.52 13.96 -3.55
N VAL E 227 19.35 13.84 -4.87
CA VAL E 227 20.09 14.70 -5.79
C VAL E 227 19.70 16.16 -5.58
N CYS E 228 18.40 16.43 -5.42
CA CYS E 228 17.96 17.81 -5.17
C CYS E 228 18.51 18.32 -3.85
N CYS E 229 18.51 17.48 -2.80
CA CYS E 229 19.07 17.90 -1.52
C CYS E 229 20.57 18.15 -1.63
N ILE E 230 21.28 17.28 -2.35
CA ILE E 230 22.73 17.46 -2.53
C ILE E 230 23.03 18.74 -3.29
N VAL E 231 22.27 19.02 -4.35
CA VAL E 231 22.50 20.22 -5.15
C VAL E 231 22.33 21.47 -4.31
N TRP E 232 21.27 21.53 -3.50
CA TRP E 232 21.06 22.69 -2.65
C TRP E 232 22.18 22.85 -1.63
N MET E 233 22.58 21.74 -1.00
CA MET E 233 23.67 21.81 -0.03
C MET E 233 25.00 22.15 -0.70
N LEU E 234 25.29 21.52 -1.85
CA LEU E 234 26.53 21.81 -2.55
C LEU E 234 26.56 23.25 -3.05
N ALA E 235 25.43 23.75 -3.55
CA ALA E 235 25.37 25.15 -3.97
C ALA E 235 25.48 26.10 -2.79
N LEU E 236 24.92 25.72 -1.64
CA LEU E 236 25.02 26.57 -0.45
C LEU E 236 26.47 26.70 0.00
N GLY E 237 27.27 25.65 -0.16
CA GLY E 237 28.69 25.76 0.16
C GLY E 237 29.40 26.77 -0.71
N GLY E 238 29.09 26.77 -2.01
CA GLY E 238 29.63 27.81 -2.89
C GLY E 238 29.13 29.19 -2.54
N PHE E 239 27.88 29.29 -2.08
CA PHE E 239 27.36 30.57 -1.63
C PHE E 239 28.14 31.09 -0.43
N LEU E 240 28.46 30.21 0.52
CA LEU E 240 29.28 30.60 1.65
C LEU E 240 30.72 30.87 1.22
N THR E 241 31.23 30.08 0.27
CA THR E 241 32.59 30.27 -0.20
C THR E 241 32.77 31.64 -0.84
N MET E 242 31.80 32.06 -1.67
CA MET E 242 31.88 33.38 -2.28
C MET E 242 31.77 34.48 -1.23
N ILE E 243 30.87 34.31 -0.25
CA ILE E 243 30.71 35.30 0.80
C ILE E 243 32.00 35.41 1.62
N ILE E 244 32.57 34.27 2.00
CA ILE E 244 33.81 34.27 2.78
C ILE E 244 34.95 34.88 1.98
N LEU E 245 35.10 34.47 0.72
CA LEU E 245 36.19 34.98 -0.10
C LEU E 245 36.06 36.48 -0.34
N THR E 246 34.85 36.95 -0.63
CA THR E 246 34.67 38.36 -0.97
C THR E 246 34.88 39.25 0.23
N LEU E 247 34.29 38.89 1.37
CA LEU E 247 34.35 39.76 2.55
C LEU E 247 35.71 39.73 3.22
N LYS E 248 36.33 38.55 3.34
CA LYS E 248 37.57 38.43 4.10
C LYS E 248 38.77 38.95 3.34
N LYS E 249 38.75 38.90 2.00
CA LYS E 249 39.91 39.34 1.22
C LYS E 249 40.22 40.81 1.44
N GLY E 250 39.20 41.66 1.40
CA GLY E 250 39.41 43.08 1.58
C GLY E 250 38.10 43.82 1.70
N GLY E 251 38.21 45.09 2.10
CA GLY E 251 37.04 45.93 2.21
C GLY E 251 36.47 46.30 0.84
N HIS E 252 35.18 46.60 0.84
CA HIS E 252 34.45 46.93 -0.38
C HIS E 252 33.73 48.25 -0.21
N ASN E 253 33.50 48.93 -1.34
CA ASN E 253 32.79 50.20 -1.31
C ASN E 253 31.31 49.96 -1.09
N SER E 254 30.74 50.64 -0.08
CA SER E 254 29.35 50.45 0.29
C SER E 254 28.41 51.44 -0.38
N THR E 255 28.93 52.41 -1.13
CA THR E 255 28.06 53.37 -1.80
C THR E 255 27.22 52.70 -2.87
N MET E 256 27.82 51.82 -3.68
CA MET E 256 27.10 51.15 -4.75
C MET E 256 27.66 49.75 -4.94
N CYS E 257 26.80 48.85 -5.41
CA CYS E 257 27.21 47.48 -5.73
C CYS E 257 26.66 47.09 -7.09
N PHE E 258 26.77 45.81 -7.45
CA PHE E 258 26.41 45.30 -8.76
C PHE E 258 27.20 45.98 -9.88
N HIS E 259 28.38 46.49 -9.57
CA HIS E 259 29.21 47.21 -10.52
C HIS E 259 30.35 46.33 -11.00
N TYR E 260 31.24 46.91 -11.80
CA TYR E 260 32.39 46.20 -12.34
C TYR E 260 33.57 46.35 -11.40
N ARG E 261 34.20 45.23 -11.08
CA ARG E 261 35.31 45.19 -10.13
C ARG E 261 36.48 44.44 -10.74
N ASP E 262 37.67 45.03 -10.66
CA ASP E 262 38.89 44.34 -11.05
C ASP E 262 39.27 43.33 -9.99
N LYS E 263 39.62 42.12 -10.42
CA LYS E 263 39.92 41.01 -9.51
C LYS E 263 41.29 40.43 -9.79
N HIS E 264 42.27 41.29 -10.07
CA HIS E 264 43.65 40.83 -10.21
C HIS E 264 44.29 40.54 -8.86
N ASN E 265 43.85 41.22 -7.81
CA ASN E 265 44.30 40.93 -6.45
C ASN E 265 43.45 39.87 -5.76
N ALA E 266 42.36 39.43 -6.39
CA ALA E 266 41.47 38.41 -5.86
C ALA E 266 41.28 37.31 -6.89
N LYS E 267 42.40 36.83 -7.44
CA LYS E 267 42.35 35.82 -8.49
C LYS E 267 41.67 34.54 -8.04
N GLY E 268 41.72 34.25 -6.73
CA GLY E 268 41.03 33.06 -6.23
C GLY E 268 39.53 33.13 -6.45
N GLU E 269 38.94 34.30 -6.22
CA GLU E 269 37.51 34.47 -6.51
C GLU E 269 37.23 34.34 -8.00
N ALA E 270 38.09 34.91 -8.84
CA ALA E 270 37.89 34.82 -10.28
C ALA E 270 38.04 33.40 -10.80
N ILE E 271 38.93 32.61 -10.19
CA ILE E 271 39.09 31.23 -10.61
C ILE E 271 37.82 30.43 -10.31
N PHE E 272 37.21 30.66 -9.15
CA PHE E 272 35.97 29.98 -8.82
C PHE E 272 34.85 30.35 -9.80
N ASN E 273 34.75 31.63 -10.15
CA ASN E 273 33.78 32.04 -11.16
C ASN E 273 34.11 31.43 -12.52
N PHE E 274 35.40 31.22 -12.81
CA PHE E 274 35.78 30.56 -14.05
C PHE E 274 35.36 29.10 -14.07
N ILE E 275 35.43 28.43 -12.91
CA ILE E 275 35.03 27.03 -12.84
C ILE E 275 33.55 26.88 -13.16
N LEU E 276 32.72 27.77 -12.63
CA LEU E 276 31.28 27.68 -12.87
C LEU E 276 30.95 27.81 -14.35
N VAL E 277 31.63 28.71 -15.06
CA VAL E 277 31.42 28.83 -16.49
C VAL E 277 31.87 27.57 -17.21
N VAL E 278 32.97 26.97 -16.77
CA VAL E 278 33.44 25.73 -17.38
C VAL E 278 32.43 24.61 -17.17
N MET E 279 31.89 24.48 -15.94
CA MET E 279 30.91 23.45 -15.69
C MET E 279 29.60 23.71 -16.43
N PHE E 280 29.33 24.96 -16.81
CA PHE E 280 28.13 25.27 -17.55
C PHE E 280 28.15 24.61 -18.92
N TRP E 281 29.26 24.76 -19.66
CA TRP E 281 29.36 24.16 -20.97
C TRP E 281 29.39 22.64 -20.91
N LEU E 282 29.93 22.07 -19.83
CA LEU E 282 29.78 20.64 -19.61
C LEU E 282 28.33 20.26 -19.39
N ILE E 283 27.60 21.07 -18.62
CA ILE E 283 26.17 20.83 -18.43
C ILE E 283 25.41 21.12 -19.71
N PHE E 284 25.74 22.23 -20.38
CA PHE E 284 25.05 22.58 -21.62
C PHE E 284 25.32 21.57 -22.72
N LEU E 285 26.48 20.92 -22.71
CA LEU E 285 26.75 19.85 -23.66
C LEU E 285 25.80 18.69 -23.43
N LEU E 286 25.52 18.37 -22.17
CA LEU E 286 24.56 17.30 -21.87
C LEU E 286 23.16 17.64 -22.35
N ILE E 287 22.74 18.90 -22.17
CA ILE E 287 21.41 19.30 -22.58
C ILE E 287 21.26 19.23 -24.10
N ILE E 288 22.26 19.72 -24.84
CA ILE E 288 22.23 19.61 -26.29
C ILE E 288 22.25 18.16 -26.73
N LEU E 289 23.10 17.35 -26.08
CA LEU E 289 23.23 15.95 -26.47
C LEU E 289 21.95 15.17 -26.17
N SER E 290 21.26 15.51 -25.08
CA SER E 290 20.08 14.75 -24.68
C SER E 290 18.85 15.14 -25.49
N TYR E 291 18.55 16.45 -25.56
CA TYR E 291 17.33 16.88 -26.23
C TYR E 291 17.37 16.62 -27.73
N ILE E 292 18.55 16.73 -28.35
CA ILE E 292 18.66 16.38 -29.77
C ILE E 292 18.39 14.89 -29.97
N LYS E 293 18.94 14.05 -29.10
CA LYS E 293 18.67 12.62 -29.18
C LYS E 293 17.20 12.32 -28.92
N ILE E 294 16.60 12.99 -27.94
CA ILE E 294 15.18 12.80 -27.66
C ILE E 294 14.33 13.22 -28.85
N GLY E 295 14.65 14.38 -29.43
CA GLY E 295 13.89 14.85 -30.57
C GLY E 295 14.02 13.95 -31.79
N LYS E 296 15.25 13.52 -32.08
CA LYS E 296 15.46 12.66 -33.24
C LYS E 296 14.86 11.28 -33.02
N ASN E 297 14.92 10.76 -31.79
CA ASN E 297 14.35 9.45 -31.52
C ASN E 297 12.83 9.46 -31.69
N LEU E 298 12.17 10.54 -31.26
CA LEU E 298 10.72 10.62 -31.42
C LEU E 298 10.34 10.81 -32.88
N LEU E 299 11.13 11.57 -33.64
CA LEU E 299 10.82 11.81 -35.05
C LEU E 299 10.85 10.51 -35.84
N ARG E 300 11.87 9.67 -35.60
CA ARG E 300 11.95 8.41 -36.34
C ARG E 300 10.85 7.45 -35.92
N ILE E 301 10.43 7.49 -34.64
CA ILE E 301 9.32 6.67 -34.20
C ILE E 301 8.03 7.09 -34.89
N SER E 302 7.84 8.41 -35.07
CA SER E 302 6.63 8.89 -35.74
C SER E 302 6.55 8.39 -37.18
N LYS E 303 7.70 8.22 -37.84
CA LYS E 303 7.69 7.70 -39.20
C LYS E 303 7.32 6.22 -39.22
N ARG E 304 7.88 5.43 -38.31
CA ARG E 304 7.56 4.01 -38.26
C ARG E 304 6.10 3.78 -37.87
N ARG E 305 5.60 4.55 -36.90
CA ARG E 305 4.26 4.37 -36.36
C ARG E 305 3.26 5.36 -36.96
N SER E 306 3.41 5.69 -38.24
CA SER E 306 2.47 6.60 -38.89
C SER E 306 1.08 5.98 -39.02
N LYS E 307 1.01 4.65 -39.15
CA LYS E 307 -0.27 3.95 -39.25
C LYS E 307 -0.75 3.59 -37.85
N PHE E 308 -1.30 4.60 -37.18
CA PHE E 308 -1.81 4.44 -35.81
C PHE E 308 -2.79 5.56 -35.54
N PRO E 309 -3.65 5.40 -34.53
CA PRO E 309 -4.67 6.44 -34.27
C PRO E 309 -4.08 7.82 -34.01
N ASN E 310 -2.95 7.91 -33.31
CA ASN E 310 -2.33 9.19 -33.01
C ASN E 310 -0.82 9.06 -33.18
N SER E 311 -0.33 9.38 -34.37
CA SER E 311 1.09 9.48 -34.64
C SER E 311 1.60 10.91 -34.54
N GLY E 312 0.72 11.90 -34.47
CA GLY E 312 1.14 13.27 -34.33
C GLY E 312 1.66 13.63 -32.95
N LYS E 313 1.35 12.80 -31.95
CA LYS E 313 1.88 13.04 -30.61
C LYS E 313 3.40 12.93 -30.59
N TYR E 314 3.95 11.94 -31.31
CA TYR E 314 5.39 11.82 -31.41
C TYR E 314 6.02 12.95 -32.21
N ALA E 315 5.24 13.65 -33.03
CA ALA E 315 5.74 14.82 -33.74
C ALA E 315 5.60 16.10 -32.93
N THR E 316 4.55 16.21 -32.11
CA THR E 316 4.40 17.37 -31.24
C THR E 316 5.39 17.31 -30.09
N THR E 317 5.57 16.12 -29.50
CA THR E 317 6.52 15.99 -28.39
C THR E 317 7.96 16.20 -28.87
N ALA E 318 8.28 15.78 -30.09
CA ALA E 318 9.60 16.05 -30.65
C ALA E 318 9.80 17.55 -30.84
N ARG E 319 8.75 18.27 -31.23
CA ARG E 319 8.84 19.71 -31.33
C ARG E 319 8.92 20.35 -29.96
N ASN E 320 8.22 19.79 -28.96
CA ASN E 320 8.28 20.33 -27.61
C ASN E 320 9.68 20.21 -27.02
N SER E 321 10.35 19.07 -27.27
CA SER E 321 11.70 18.89 -26.74
C SER E 321 12.66 19.91 -27.34
N PHE E 322 12.50 20.22 -28.63
CA PHE E 322 13.37 21.20 -29.27
C PHE E 322 13.13 22.61 -28.73
N ILE E 323 11.90 22.92 -28.34
CA ILE E 323 11.62 24.25 -27.80
C ILE E 323 12.33 24.45 -26.46
N VAL E 324 12.37 23.41 -25.63
CA VAL E 324 13.10 23.51 -24.36
C VAL E 324 14.58 23.76 -24.62
N LEU E 325 15.13 23.11 -25.65
CA LEU E 325 16.53 23.34 -26.00
C LEU E 325 16.74 24.77 -26.49
N ILE E 326 15.81 25.29 -27.28
CA ILE E 326 15.97 26.64 -27.82
C ILE E 326 15.84 27.69 -26.72
N ILE E 327 14.86 27.53 -25.83
CA ILE E 327 14.68 28.48 -24.74
C ILE E 327 15.90 28.49 -23.83
N PHE E 328 16.42 27.30 -23.50
CA PHE E 328 17.63 27.23 -22.70
C PHE E 328 18.82 27.84 -23.43
N THR E 329 18.94 27.60 -24.74
CA THR E 329 20.05 28.14 -25.50
C THR E 329 19.97 29.66 -25.61
N ILE E 330 18.79 30.19 -25.90
CA ILE E 330 18.64 31.63 -26.07
C ILE E 330 18.92 32.36 -24.76
N CYS E 331 18.42 31.82 -23.64
CA CYS E 331 18.54 32.53 -22.37
C CYS E 331 19.96 32.47 -21.81
N PHE E 332 20.60 31.30 -21.86
CA PHE E 332 21.84 31.09 -21.10
C PHE E 332 23.11 31.15 -21.93
N VAL E 333 23.08 30.73 -23.19
CA VAL E 333 24.31 30.69 -23.98
C VAL E 333 24.95 32.06 -24.16
N PRO E 334 24.23 33.12 -24.56
CA PRO E 334 24.92 34.40 -24.77
C PRO E 334 25.61 34.93 -23.52
N TYR E 335 25.04 34.71 -22.33
CA TYR E 335 25.67 35.20 -21.12
C TYR E 335 26.98 34.48 -20.85
N HIS E 336 26.96 33.15 -20.88
CA HIS E 336 28.16 32.38 -20.56
C HIS E 336 29.19 32.40 -21.69
N ALA E 337 28.76 32.61 -22.93
CA ALA E 337 29.72 32.77 -24.02
C ALA E 337 30.54 34.05 -23.83
N PHE E 338 29.89 35.14 -23.42
CA PHE E 338 30.56 36.40 -23.18
C PHE E 338 31.21 36.47 -21.81
N ARG E 339 30.88 35.53 -20.90
CA ARG E 339 31.44 35.57 -19.56
C ARG E 339 32.95 35.33 -19.57
N PHE E 340 33.44 34.58 -20.56
CA PHE E 340 34.89 34.38 -20.69
C PHE E 340 35.60 35.71 -20.93
N ILE E 341 35.02 36.57 -21.76
CA ILE E 341 35.59 37.90 -21.97
C ILE E 341 35.48 38.72 -20.69
N TYR E 342 34.36 38.59 -19.97
CA TYR E 342 34.18 39.34 -18.73
C TYR E 342 35.22 38.95 -17.70
N ILE E 343 35.50 37.65 -17.57
CA ILE E 343 36.52 37.20 -16.61
C ILE E 343 37.90 37.68 -17.04
N SER E 344 38.21 37.55 -18.33
CA SER E 344 39.53 37.99 -18.82
C SER E 344 39.70 39.49 -18.69
N SER E 345 38.61 40.25 -18.79
CA SER E 345 38.70 41.70 -18.60
C SER E 345 39.06 42.04 -17.16
N GLN E 346 38.50 41.30 -16.19
CA GLN E 346 38.80 41.59 -14.79
C GLN E 346 40.26 41.34 -14.46
N LEU E 347 40.83 40.25 -14.97
CA LEU E 347 42.21 39.90 -14.65
C LEU E 347 43.18 40.84 -15.35
N ASN E 348 43.14 40.86 -16.68
CA ASN E 348 44.05 41.71 -17.45
C ASN E 348 43.67 43.17 -17.33
N VAL E 349 44.61 44.05 -17.68
CA VAL E 349 44.41 45.48 -17.66
C VAL E 349 44.12 45.95 -19.08
N SER E 350 43.01 46.68 -19.25
CA SER E 350 42.59 47.16 -20.56
C SER E 350 42.18 48.62 -20.44
N SER E 351 41.69 49.16 -21.56
CA SER E 351 41.24 50.55 -21.57
C SER E 351 40.02 50.73 -20.67
N CYS E 352 39.88 51.94 -20.13
CA CYS E 352 38.73 52.25 -19.28
C CYS E 352 37.44 52.29 -20.08
N TYR E 353 37.51 52.65 -21.37
CA TYR E 353 36.33 52.61 -22.21
C TYR E 353 35.94 51.17 -22.57
N TRP E 354 36.93 50.29 -22.72
CA TRP E 354 36.63 48.89 -22.97
C TRP E 354 35.92 48.24 -21.78
N LYS E 355 36.27 48.65 -20.56
CA LYS E 355 35.63 48.09 -19.38
C LYS E 355 34.12 48.35 -19.37
N GLU E 356 33.72 49.57 -19.75
CA GLU E 356 32.30 49.90 -19.76
C GLU E 356 31.54 49.06 -20.79
N ILE E 357 32.15 48.80 -21.94
CA ILE E 357 31.52 47.96 -22.96
C ILE E 357 31.30 46.56 -22.41
N VAL E 358 32.31 45.99 -21.74
CA VAL E 358 32.16 44.67 -21.15
C VAL E 358 31.10 44.68 -20.06
N HIS E 359 31.07 45.73 -19.25
CA HIS E 359 30.04 45.83 -18.21
C HIS E 359 28.65 45.98 -18.80
N LYS E 360 28.50 46.83 -19.82
CA LYS E 360 27.18 47.02 -20.43
C LYS E 360 26.71 45.77 -21.14
N THR E 361 27.60 45.11 -21.89
CA THR E 361 27.21 43.91 -22.63
C THR E 361 26.83 42.78 -21.68
N ASN E 362 27.63 42.56 -20.63
CA ASN E 362 27.34 41.49 -19.69
C ASN E 362 26.07 41.76 -18.90
N GLU E 363 25.84 43.03 -18.54
CA GLU E 363 24.66 43.35 -17.75
C GLU E 363 23.38 43.17 -18.56
N ILE E 364 23.43 43.43 -19.87
CA ILE E 364 22.27 43.20 -20.71
C ILE E 364 22.03 41.71 -20.90
N MET E 365 23.09 40.95 -21.17
CA MET E 365 22.95 39.50 -21.34
C MET E 365 22.54 38.81 -20.05
N LEU E 366 22.80 39.42 -18.89
CA LEU E 366 22.31 38.87 -17.64
C LEU E 366 20.80 38.94 -17.56
N VAL E 367 20.19 39.98 -18.14
CA VAL E 367 18.73 40.07 -18.20
C VAL E 367 18.17 38.92 -19.01
N LEU E 368 18.80 38.61 -20.15
CA LEU E 368 18.34 37.49 -20.97
C LEU E 368 18.42 36.18 -20.21
N SER E 369 19.48 36.00 -19.42
CA SER E 369 19.57 34.82 -18.56
C SER E 369 18.48 34.82 -17.51
N SER E 370 18.10 36.00 -17.01
CA SER E 370 17.02 36.09 -16.02
C SER E 370 15.66 35.80 -16.65
N PHE E 371 15.55 35.84 -17.98
CA PHE E 371 14.27 35.59 -18.62
C PHE E 371 13.85 34.13 -18.49
N ASN E 372 14.80 33.21 -18.36
CA ASN E 372 14.46 31.80 -18.23
C ASN E 372 13.78 31.50 -16.90
N SER E 373 13.96 32.36 -15.89
CA SER E 373 13.31 32.12 -14.61
C SER E 373 11.80 32.21 -14.73
N CYS E 374 11.30 33.15 -15.53
CA CYS E 374 9.87 33.30 -15.74
C CYS E 374 9.34 32.46 -16.89
N LEU E 375 10.22 31.83 -17.67
CA LEU E 375 9.80 31.00 -18.79
C LEU E 375 9.77 29.52 -18.45
N ASP E 376 10.18 29.13 -17.24
CA ASP E 376 10.10 27.73 -16.85
C ASP E 376 8.66 27.35 -16.49
N PRO E 377 7.96 28.09 -15.62
CA PRO E 377 6.57 27.72 -15.34
C PRO E 377 5.68 27.76 -16.57
N VAL E 378 5.91 28.73 -17.47
CA VAL E 378 5.10 28.82 -18.68
C VAL E 378 5.38 27.64 -19.60
N MET E 379 6.64 27.24 -19.71
CA MET E 379 7.00 26.15 -20.60
C MET E 379 6.37 24.83 -20.16
N TYR E 380 6.34 24.58 -18.85
CA TYR E 380 5.79 23.31 -18.37
C TYR E 380 4.27 23.28 -18.47
N PHE E 381 3.60 24.43 -18.31
CA PHE E 381 2.14 24.45 -18.38
C PHE E 381 1.64 24.10 -19.78
N LEU E 382 2.26 24.69 -20.80
CA LEU E 382 1.75 24.51 -22.17
C LEU E 382 2.08 23.14 -22.74
N MET E 383 3.23 22.57 -22.40
CA MET E 383 3.65 21.31 -23.01
C MET E 383 2.92 20.12 -22.43
N SER E 384 2.54 20.16 -21.16
CA SER E 384 1.87 19.04 -20.51
C SER E 384 0.36 19.22 -20.62
N SER E 385 -0.28 18.31 -21.35
CA SER E 385 -1.73 18.39 -21.55
C SER E 385 -2.49 18.21 -20.25
N ASN E 386 -1.89 17.51 -19.27
CA ASN E 386 -2.57 17.30 -17.99
C ASN E 386 -2.83 18.61 -17.28
N ILE E 387 -1.83 19.51 -17.26
CA ILE E 387 -1.99 20.79 -16.58
C ILE E 387 -2.98 21.67 -17.34
N ARG E 388 -2.95 21.62 -18.68
CA ARG E 388 -3.85 22.44 -19.47
C ARG E 388 -5.31 22.10 -19.18
N LYS E 389 -5.63 20.81 -19.12
CA LYS E 389 -6.98 20.39 -18.76
C LYS E 389 -7.32 20.79 -17.34
N ILE E 390 -6.35 20.66 -16.42
CA ILE E 390 -6.54 21.13 -15.05
C ILE E 390 -6.72 22.64 -15.04
N MET E 391 -5.91 23.37 -15.82
CA MET E 391 -6.03 24.83 -15.86
C MET E 391 -7.39 25.24 -16.41
N CYS E 392 -7.87 24.57 -17.47
CA CYS E 392 -9.18 24.88 -18.00
C CYS E 392 -10.27 24.57 -17.00
N GLN E 393 -10.16 23.44 -16.29
CA GLN E 393 -11.12 23.08 -15.26
C GLN E 393 -11.09 24.06 -14.11
OAA TJR F . 28.29 42.36 -7.19
PAC TJR F . 27.83 41.17 -8.00
OAD TJR F . 26.72 40.47 -7.24
OAE TJR F . 29.98 35.94 -10.76
OAF TJR F . 29.09 40.15 -8.22
CAG TJR F . 29.48 39.34 -7.15
CAH TJR F . 28.80 37.98 -7.28
CAI TJR F . 29.79 36.85 -7.54
OAJ TJR F . 30.30 37.02 -8.83
CAK TJR F . 30.23 35.85 -9.61
CAL TJR F . 30.51 34.49 -8.97
CAM TJR F . 29.32 33.54 -9.11
CAN TJR F . 28.97 32.88 -7.77
CAO TJR F . 27.79 31.92 -7.89
CAP TJR F . 27.75 30.93 -6.72
CAQ TJR F . 26.89 29.71 -7.02
CAR TJR F . 27.75 28.46 -7.18
CAS TJR F . 26.98 27.18 -6.84
CAT TJR F . 27.49 26.00 -7.67
CAU TJR F . 28.06 24.89 -6.79
CAV TJR F . 28.43 23.67 -7.63
CAW TJR F . 29.94 23.39 -7.60
CAX TJR F . 30.34 22.41 -8.69
CAY TJR F . 31.79 22.58 -9.11
CAZ TJR F . 32.21 21.59 -10.19
CBA TJR F . 33.69 21.68 -10.51
CBB TJR F . 34.17 20.53 -11.38
OBC TJR F . 28.13 37.70 -6.08
N SER G . 26.01 41.82 -12.36
CA SER G . 27.34 41.66 -11.82
C SER G . 28.24 41.02 -12.88
O SER G . 28.31 41.52 -14.04
CB SER G . 27.28 40.82 -10.54
OG SER G . 27.26 41.69 -9.46
OXT SER G . 28.93 40.01 -12.59
C1 CLR H . 12.41 20.77 -1.72
C2 CLR H . 11.73 19.41 -1.83
C3 CLR H . 12.76 18.32 -2.04
C4 CLR H . 13.77 18.33 -0.89
C5 CLR H . 14.37 19.69 -0.68
C6 CLR H . 15.69 19.82 -0.58
C7 CLR H . 16.41 21.10 -0.30
C8 CLR H . 15.47 22.19 0.22
C9 CLR H . 14.19 22.20 -0.63
C10 CLR H . 13.41 20.87 -0.55
C11 CLR H . 13.33 23.44 -0.33
C12 CLR H . 14.10 24.76 -0.31
C13 CLR H . 15.28 24.71 0.66
C14 CLR H . 16.15 23.54 0.18
C15 CLR H . 17.48 23.69 0.91
C16 CLR H . 17.66 25.21 1.01
C17 CLR H . 16.32 25.86 0.55
C18 CLR H . 14.83 24.56 2.11
C19 CLR H . 12.65 20.71 0.78
C20 CLR H . 16.05 27.19 1.29
C21 CLR H . 14.98 28.05 0.63
C22 CLR H . 17.36 27.98 1.41
C23 CLR H . 17.29 29.21 2.32
C24 CLR H . 17.88 30.44 1.66
C25 CLR H . 19.00 31.11 2.43
C26 CLR H . 19.24 32.53 1.88
C27 CLR H . 20.29 30.30 2.37
O1 CLR H . 12.10 17.07 -2.13
#